data_5I17
#
_entry.id   5I17
#
_cell.length_a   152.480
_cell.length_b   152.480
_cell.length_c   123.370
_cell.angle_alpha   90.00
_cell.angle_beta   90.00
_cell.angle_gamma   90.00
#
_symmetry.space_group_name_H-M   'P 4 2 2'
#
loop_
_entity.id
_entity.type
_entity.pdbx_description
1 polymer 'FAB LIGHT CHAIN'
2 polymer 'FAB HEAVY CHAIN'
3 non-polymer 'SULFATE ION'
#
loop_
_entity_poly.entity_id
_entity_poly.type
_entity_poly.pdbx_seq_one_letter_code
_entity_poly.pdbx_strand_id
1 'polypeptide(L)'
;EIVLTQSPGTLSLSPGERATLSCRASQSVSSSYLAWYQQKPGQAPRLLIYGASSRATGIPDRFSGSGSGTDFTLTISRLE
PEDFAVYYCQQYGSSPLTFGQGTKVEIKRTVAAPSVFIFPPSDEQLKSGTASVVCLLNNFYPREAKVQWKVDNALQSGNS
QESVTEQDSKDSTYSLSSTLTLSKADYEKHKVYACEVTHQGLSSPVTKSFNRGEC
;
L,A
2 'polypeptide(L)'
;(PCA)VQLVQSGAEVKKPGSSVKVSCKASGGTFSSYAISWVRQAPGQGLEWMGGIIPIFGTANYAQKFQGRVTITADEST
STAYMELSSLRSEDTAVYYCARYDGIYGELDFWGQGTLVTVSSASTKGPSVFPLAPSSKSTSGGTAALGCLVKDYFPEPV
TVSWNSGALTSGVHTFPAVLQSSGLYSLSSVVTVPSSSLGTQTYICNVNHKPSNTKVDKKVEPKSCHHHHHH
;
H,B
#
# COMPACT_ATOMS: atom_id res chain seq x y z
N GLU A 1 -3.17 -3.88 -22.44
CA GLU A 1 -4.35 -3.54 -21.58
C GLU A 1 -4.75 -2.08 -21.75
N ILE A 2 -6.05 -1.84 -21.85
CA ILE A 2 -6.61 -0.49 -22.04
C ILE A 2 -7.24 0.02 -20.74
N VAL A 3 -6.98 1.29 -20.42
CA VAL A 3 -7.52 1.92 -19.21
C VAL A 3 -8.54 2.98 -19.58
N LEU A 4 -9.65 3.03 -18.84
CA LEU A 4 -10.72 4.00 -19.08
C LEU A 4 -10.89 4.97 -17.92
N THR A 5 -11.05 6.24 -18.26
CA THR A 5 -11.28 7.28 -17.26
C THR A 5 -12.52 8.10 -17.61
N GLN A 6 -13.32 8.41 -16.60
CA GLN A 6 -14.57 9.12 -16.79
C GLN A 6 -14.53 10.47 -16.07
N SER A 7 -15.26 11.45 -16.60
CA SER A 7 -15.32 12.78 -15.98
C SER A 7 -16.71 13.41 -16.10
N PRO A 8 -17.16 14.10 -15.02
CA PRO A 8 -16.47 14.27 -13.73
C PRO A 8 -16.60 13.04 -12.81
N GLY A 9 -16.21 13.18 -11.55
CA GLY A 9 -16.29 12.08 -10.59
C GLY A 9 -17.74 11.82 -10.21
N THR A 10 -18.34 12.81 -9.59
CA THR A 10 -19.78 12.82 -9.36
C THR A 10 -20.35 13.95 -10.20
N LEU A 11 -21.65 13.87 -10.52
CA LEU A 11 -22.31 14.92 -11.30
C LEU A 11 -23.61 15.31 -10.61
N SER A 12 -23.76 16.60 -10.34
CA SER A 12 -24.84 17.08 -9.53
C SER A 12 -25.83 17.91 -10.35
N LEU A 13 -27.00 17.35 -10.60
CA LEU A 13 -28.03 18.00 -11.44
C LEU A 13 -29.45 17.81 -10.86
N SER A 14 -30.46 18.23 -11.62
CA SER A 14 -31.86 18.10 -11.18
C SER A 14 -32.73 17.50 -12.29
N PRO A 15 -33.89 16.90 -11.91
CA PRO A 15 -34.78 16.32 -12.92
C PRO A 15 -35.17 17.32 -14.01
N GLY A 16 -34.92 16.94 -15.26
CA GLY A 16 -35.25 17.78 -16.42
C GLY A 16 -34.04 18.44 -17.09
N GLU A 17 -32.85 18.20 -16.54
CA GLU A 17 -31.62 18.77 -17.07
C GLU A 17 -30.89 17.81 -18.01
N ARG A 18 -29.92 18.33 -18.76
CA ARG A 18 -29.06 17.50 -19.59
C ARG A 18 -27.82 17.02 -18.84
N ALA A 19 -27.50 15.74 -18.99
CA ALA A 19 -26.30 15.16 -18.40
C ALA A 19 -25.29 14.80 -19.49
N THR A 20 -24.05 15.25 -19.32
CA THR A 20 -22.96 14.94 -20.25
C THR A 20 -21.85 14.17 -19.53
N LEU A 21 -21.63 12.93 -19.96
CA LEU A 21 -20.70 12.03 -19.31
C LEU A 21 -19.58 11.64 -20.27
N SER A 22 -18.34 11.59 -19.76
CA SER A 22 -17.16 11.35 -20.59
C SER A 22 -16.45 10.02 -20.32
N CYS A 23 -15.66 9.56 -21.30
CA CYS A 23 -14.85 8.36 -21.17
C CYS A 23 -13.55 8.43 -22.01
N ARG A 24 -12.49 9.01 -21.42
CA ARG A 24 -11.16 9.08 -22.03
C ARG A 24 -10.47 7.70 -21.97
N ALA A 25 -10.19 7.14 -23.14
CA ALA A 25 -9.43 5.89 -23.21
C ALA A 25 -7.95 6.18 -23.42
N SER A 26 -7.10 5.27 -22.97
CA SER A 26 -5.64 5.42 -23.14
C SER A 26 -5.13 4.82 -24.45
N GLN A 27 -6.00 4.09 -25.15
CA GLN A 27 -5.68 3.50 -26.45
C GLN A 27 -6.88 3.58 -27.38
N SER A 28 -6.68 3.15 -28.63
CA SER A 28 -7.77 3.07 -29.61
C SER A 28 -8.64 1.85 -29.35
N VAL A 29 -9.93 1.99 -29.67
CA VAL A 29 -10.89 0.91 -29.47
C VAL A 29 -11.51 0.53 -30.81
N SER A 30 -11.30 -0.72 -31.21
CA SER A 30 -11.76 -1.28 -32.49
C SER A 30 -12.95 -0.53 -33.12
N SER A 31 -12.62 0.43 -34.00
CA SER A 31 -13.58 1.36 -34.60
C SER A 31 -14.45 2.08 -33.56
N SER A 32 -15.35 1.31 -32.93
CA SER A 32 -16.20 1.79 -31.84
C SER A 32 -16.79 0.61 -31.09
N TYR A 33 -16.02 0.04 -30.17
CA TYR A 33 -16.46 -1.11 -29.39
C TYR A 33 -16.52 -0.79 -27.88
N LEU A 34 -17.20 0.31 -27.58
CA LEU A 34 -17.36 0.77 -26.20
C LEU A 34 -18.83 0.75 -25.77
N ALA A 35 -19.05 0.32 -24.52
CA ALA A 35 -20.40 0.23 -23.98
C ALA A 35 -20.62 1.16 -22.79
N TRP A 36 -21.87 1.51 -22.56
CA TRP A 36 -22.27 2.27 -21.37
C TRP A 36 -23.28 1.48 -20.54
N TYR A 37 -23.14 1.57 -19.22
CA TYR A 37 -24.00 0.85 -18.28
C TYR A 37 -24.57 1.76 -17.20
N GLN A 38 -25.72 1.35 -16.64
CA GLN A 38 -26.30 2.02 -15.48
C GLN A 38 -26.27 1.08 -14.28
N GLN A 39 -26.06 1.65 -13.09
CA GLN A 39 -26.11 0.87 -11.87
C GLN A 39 -26.65 1.70 -10.71
N LYS A 40 -27.71 1.18 -10.09
CA LYS A 40 -28.30 1.75 -8.89
C LYS A 40 -27.72 1.02 -7.69
N PRO A 41 -27.71 1.67 -6.50
CA PRO A 41 -27.09 1.10 -5.30
C PRO A 41 -27.61 -0.30 -4.98
N GLY A 42 -26.67 -1.26 -4.91
CA GLY A 42 -26.97 -2.65 -4.57
C GLY A 42 -27.78 -3.42 -5.61
N GLN A 43 -27.57 -3.08 -6.89
CA GLN A 43 -28.25 -3.75 -7.99
C GLN A 43 -27.31 -4.06 -9.16
N ALA A 44 -27.71 -5.07 -9.94
CA ALA A 44 -26.98 -5.48 -11.13
C ALA A 44 -26.91 -4.34 -12.13
N PRO A 45 -25.77 -4.21 -12.84
CA PRO A 45 -25.62 -3.21 -13.90
C PRO A 45 -26.67 -3.34 -15.01
N ARG A 46 -26.70 -2.39 -15.93
CA ARG A 46 -27.74 -2.35 -16.95
C ARG A 46 -27.24 -1.72 -18.25
N LEU A 47 -27.03 -2.55 -19.27
CA LEU A 47 -26.55 -2.08 -20.56
C LEU A 47 -27.51 -1.06 -21.18
N LEU A 48 -26.94 0.06 -21.62
CA LEU A 48 -27.72 1.16 -22.17
C LEU A 48 -27.31 1.47 -23.60
N ILE A 49 -26.01 1.40 -23.87
CA ILE A 49 -25.44 1.79 -25.16
C ILE A 49 -24.33 0.84 -25.56
N TYR A 50 -24.43 0.27 -26.77
CA TYR A 50 -23.40 -0.59 -27.34
C TYR A 50 -22.82 -0.01 -28.63
N GLY A 51 -21.59 -0.42 -28.96
CA GLY A 51 -20.91 0.06 -30.15
C GLY A 51 -20.77 1.58 -30.18
N ALA A 52 -20.50 2.14 -29.00
CA ALA A 52 -20.35 3.59 -28.79
C ALA A 52 -21.63 4.41 -28.89
N SER A 53 -22.50 4.05 -29.83
CA SER A 53 -23.67 4.88 -30.14
C SER A 53 -24.87 4.12 -30.67
N SER A 54 -25.30 3.10 -29.93
CA SER A 54 -26.51 2.35 -30.28
C SER A 54 -27.27 1.92 -29.04
N ARG A 55 -28.47 2.47 -28.87
CA ARG A 55 -29.35 2.13 -27.74
C ARG A 55 -29.73 0.64 -27.76
N ALA A 56 -29.66 0.00 -26.59
CA ALA A 56 -30.19 -1.35 -26.44
C ALA A 56 -31.72 -1.26 -26.41
N THR A 57 -32.39 -2.32 -26.83
CA THR A 57 -33.86 -2.33 -26.87
C THR A 57 -34.45 -2.13 -25.46
N GLY A 58 -35.42 -1.23 -25.36
CA GLY A 58 -36.03 -0.90 -24.08
C GLY A 58 -35.57 0.45 -23.53
N ILE A 59 -34.28 0.75 -23.74
CA ILE A 59 -33.65 1.99 -23.26
C ILE A 59 -34.31 3.22 -23.91
N PRO A 60 -34.92 4.10 -23.07
CA PRO A 60 -35.67 5.28 -23.52
C PRO A 60 -34.92 6.26 -24.44
N ASP A 61 -35.70 7.15 -25.05
CA ASP A 61 -35.24 8.08 -26.09
C ASP A 61 -34.07 8.95 -25.66
N ARG A 62 -34.19 9.50 -24.45
CA ARG A 62 -33.26 10.51 -23.91
C ARG A 62 -31.77 10.12 -23.95
N PHE A 63 -31.50 8.82 -23.88
CA PHE A 63 -30.13 8.28 -23.90
C PHE A 63 -29.54 8.28 -25.30
N SER A 64 -28.24 8.54 -25.39
CA SER A 64 -27.49 8.53 -26.66
C SER A 64 -25.98 8.59 -26.45
N GLY A 65 -25.24 7.82 -27.24
CA GLY A 65 -23.78 7.81 -27.21
C GLY A 65 -23.15 8.45 -28.43
N SER A 66 -21.91 8.91 -28.31
CA SER A 66 -21.21 9.59 -29.40
C SER A 66 -19.69 9.51 -29.25
N GLY A 67 -18.99 9.83 -30.33
CA GLY A 67 -17.53 9.77 -30.37
C GLY A 67 -17.00 8.36 -30.58
N SER A 68 -15.79 8.25 -31.12
CA SER A 68 -15.12 6.95 -31.28
C SER A 68 -13.60 7.09 -31.22
N GLY A 69 -12.91 5.94 -31.22
CA GLY A 69 -11.45 5.92 -31.17
C GLY A 69 -10.90 5.86 -29.76
N THR A 70 -10.71 7.02 -29.14
CA THR A 70 -10.16 7.11 -27.78
C THR A 70 -10.98 8.03 -26.88
N ASP A 71 -12.04 8.62 -27.44
CA ASP A 71 -12.87 9.58 -26.70
C ASP A 71 -14.36 9.33 -26.91
N PHE A 72 -15.10 9.21 -25.81
CA PHE A 72 -16.50 8.79 -25.85
C PHE A 72 -17.41 9.62 -24.94
N THR A 73 -18.70 9.66 -25.28
CA THR A 73 -19.68 10.45 -24.55
C THR A 73 -20.99 9.68 -24.33
N LEU A 74 -21.62 9.91 -23.18
CA LEU A 74 -23.00 9.50 -22.94
C LEU A 74 -23.82 10.73 -22.55
N THR A 75 -25.04 10.82 -23.07
CA THR A 75 -25.85 12.02 -22.92
C THR A 75 -27.31 11.72 -22.66
N ILE A 76 -27.80 12.16 -21.50
CA ILE A 76 -29.22 12.12 -21.18
C ILE A 76 -29.78 13.53 -21.35
N SER A 77 -30.67 13.69 -22.32
CA SER A 77 -31.19 15.00 -22.72
C SER A 77 -32.03 15.68 -21.63
N ARG A 78 -32.99 14.94 -21.08
CA ARG A 78 -33.84 15.41 -19.98
C ARG A 78 -33.86 14.36 -18.89
N LEU A 79 -33.29 14.71 -17.73
CA LEU A 79 -33.18 13.76 -16.62
C LEU A 79 -34.52 13.43 -16.01
N GLU A 80 -34.79 12.14 -15.89
CA GLU A 80 -35.96 11.65 -15.18
C GLU A 80 -35.56 11.25 -13.77
N PRO A 81 -36.51 11.27 -12.82
CA PRO A 81 -36.20 10.92 -11.42
C PRO A 81 -35.59 9.52 -11.26
N GLU A 82 -35.66 8.70 -12.29
CA GLU A 82 -35.12 7.34 -12.26
C GLU A 82 -33.71 7.26 -12.82
N ASP A 83 -33.22 8.38 -13.34
CA ASP A 83 -31.93 8.40 -14.04
C ASP A 83 -30.76 8.81 -13.15
N PHE A 84 -30.98 8.76 -11.83
CA PHE A 84 -29.97 9.14 -10.86
C PHE A 84 -29.29 7.91 -10.27
N ALA A 85 -28.08 7.64 -10.76
CA ALA A 85 -27.34 6.42 -10.44
C ALA A 85 -25.90 6.51 -10.96
N VAL A 86 -25.14 5.43 -10.80
CA VAL A 86 -23.76 5.36 -11.29
C VAL A 86 -23.74 4.85 -12.74
N TYR A 87 -22.86 5.45 -13.55
CA TYR A 87 -22.73 5.07 -14.95
C TYR A 87 -21.32 4.63 -15.27
N TYR A 88 -21.20 3.52 -16.00
CA TYR A 88 -19.90 2.93 -16.28
C TYR A 88 -19.68 2.76 -17.78
N CYS A 89 -18.60 3.36 -18.29
CA CYS A 89 -18.16 3.07 -19.65
C CYS A 89 -17.27 1.82 -19.63
N GLN A 90 -17.43 0.98 -20.66
CA GLN A 90 -16.70 -0.28 -20.73
C GLN A 90 -16.32 -0.56 -22.17
N GLN A 91 -15.06 -0.92 -22.38
CA GLN A 91 -14.58 -1.28 -23.71
C GLN A 91 -14.55 -2.80 -23.89
N TYR A 92 -15.09 -3.24 -25.02
CA TYR A 92 -14.98 -4.64 -25.43
C TYR A 92 -14.23 -4.72 -26.77
N GLY A 93 -12.97 -4.29 -26.73
CA GLY A 93 -12.10 -4.32 -27.90
C GLY A 93 -10.99 -5.34 -27.72
N SER A 94 -10.08 -5.05 -26.79
CA SER A 94 -8.93 -5.92 -26.52
C SER A 94 -8.92 -6.40 -25.07
N SER A 95 -8.71 -7.71 -24.87
CA SER A 95 -8.68 -8.33 -23.54
C SER A 95 -7.43 -7.93 -22.75
N PRO A 96 -7.57 -7.69 -21.44
CA PRO A 96 -8.79 -7.86 -20.65
C PRO A 96 -9.82 -6.75 -20.89
N LEU A 97 -11.08 -7.17 -21.00
CA LEU A 97 -12.22 -6.30 -21.12
C LEU A 97 -12.31 -5.42 -19.86
N THR A 98 -12.16 -4.11 -20.01
CA THR A 98 -12.06 -3.21 -18.85
C THR A 98 -13.22 -2.23 -18.69
N PHE A 99 -13.42 -1.81 -17.43
CA PHE A 99 -14.46 -0.86 -17.05
C PHE A 99 -13.84 0.47 -16.60
N GLY A 100 -14.68 1.49 -16.47
CA GLY A 100 -14.26 2.75 -15.87
C GLY A 100 -14.50 2.75 -14.36
N GLN A 101 -14.00 3.78 -13.69
CA GLN A 101 -14.23 3.93 -12.25
C GLN A 101 -15.64 4.46 -11.97
N GLY A 102 -16.29 4.99 -13.01
CA GLY A 102 -17.70 5.36 -12.96
C GLY A 102 -17.99 6.81 -12.69
N THR A 103 -19.20 7.25 -13.01
CA THR A 103 -19.68 8.59 -12.71
C THR A 103 -21.03 8.52 -11.98
N LYS A 104 -21.12 9.23 -10.86
CA LYS A 104 -22.35 9.30 -10.07
C LYS A 104 -23.19 10.49 -10.51
N VAL A 105 -24.46 10.25 -10.81
CA VAL A 105 -25.40 11.32 -11.07
C VAL A 105 -26.29 11.46 -9.85
N GLU A 106 -26.07 12.54 -9.11
CA GLU A 106 -26.82 12.83 -7.88
C GLU A 106 -27.67 14.08 -8.04
N ILE A 107 -28.71 14.19 -7.21
CA ILE A 107 -29.58 15.36 -7.23
C ILE A 107 -28.84 16.54 -6.57
N LYS A 108 -28.74 17.64 -7.31
CA LYS A 108 -28.18 18.88 -6.78
C LYS A 108 -29.23 19.59 -5.94
N ARG A 109 -28.85 19.95 -4.72
CA ARG A 109 -29.70 20.75 -3.84
C ARG A 109 -28.89 21.89 -3.23
N THR A 110 -29.59 22.79 -2.54
CA THR A 110 -28.93 23.90 -1.84
C THR A 110 -28.13 23.34 -0.66
N VAL A 111 -26.97 23.96 -0.39
CA VAL A 111 -26.05 23.52 0.66
C VAL A 111 -26.71 23.42 2.04
N ALA A 112 -26.39 22.35 2.76
CA ALA A 112 -26.92 22.12 4.11
C ALA A 112 -25.83 21.64 5.06
N ALA A 113 -25.64 22.37 6.16
CA ALA A 113 -24.65 22.06 7.18
C ALA A 113 -25.03 20.82 7.99
N PRO A 114 -24.04 20.03 8.43
CA PRO A 114 -24.34 18.82 9.19
C PRO A 114 -24.69 19.06 10.66
N SER A 115 -25.73 18.38 11.13
CA SER A 115 -26.02 18.34 12.56
C SER A 115 -25.06 17.32 13.19
N VAL A 116 -24.07 17.83 13.92
CA VAL A 116 -23.04 17.00 14.55
C VAL A 116 -23.48 16.51 15.93
N PHE A 117 -23.32 15.22 16.16
CA PHE A 117 -23.64 14.60 17.45
C PHE A 117 -22.53 13.64 17.85
N ILE A 118 -22.28 13.52 19.15
CA ILE A 118 -21.22 12.65 19.64
C ILE A 118 -21.74 11.73 20.75
N PHE A 119 -21.54 10.43 20.59
CA PHE A 119 -21.98 9.45 21.58
C PHE A 119 -20.78 8.81 22.28
N PRO A 120 -20.70 8.97 23.62
CA PRO A 120 -19.70 8.25 24.41
C PRO A 120 -20.02 6.76 24.44
N PRO A 121 -19.00 5.89 24.68
CA PRO A 121 -19.23 4.44 24.71
C PRO A 121 -20.17 4.00 25.82
N SER A 122 -20.98 2.99 25.54
CA SER A 122 -21.96 2.47 26.49
C SER A 122 -21.30 1.85 27.71
N ASP A 123 -22.10 1.72 28.78
CA ASP A 123 -21.70 1.05 30.01
C ASP A 123 -21.34 -0.40 29.68
N GLU A 124 -22.24 -1.03 28.94
CA GLU A 124 -22.15 -2.44 28.55
C GLU A 124 -20.89 -2.78 27.76
N GLN A 125 -20.48 -1.89 26.86
CA GLN A 125 -19.30 -2.10 26.02
C GLN A 125 -18.01 -1.93 26.81
N LEU A 126 -18.03 -1.02 27.78
CA LEU A 126 -16.86 -0.75 28.62
C LEU A 126 -16.50 -1.92 29.54
N LYS A 127 -17.50 -2.74 29.84
CA LYS A 127 -17.30 -4.01 30.54
C LYS A 127 -16.50 -5.00 29.69
N SER A 128 -16.77 -5.02 28.39
CA SER A 128 -16.15 -6.00 27.48
C SER A 128 -14.70 -5.68 27.11
N GLY A 129 -14.26 -4.47 27.45
CA GLY A 129 -12.83 -4.13 27.35
C GLY A 129 -12.41 -3.15 26.27
N THR A 130 -13.35 -2.72 25.45
CA THR A 130 -13.08 -1.74 24.39
C THR A 130 -14.11 -0.61 24.40
N ALA A 131 -13.66 0.58 24.02
CA ALA A 131 -14.54 1.75 23.97
C ALA A 131 -14.69 2.27 22.55
N SER A 132 -15.92 2.56 22.16
CA SER A 132 -16.22 3.09 20.83
C SER A 132 -16.98 4.42 20.93
N VAL A 133 -16.31 5.49 20.51
CA VAL A 133 -16.95 6.79 20.46
C VAL A 133 -17.43 7.07 19.04
N VAL A 134 -18.73 7.27 18.89
CA VAL A 134 -19.36 7.54 17.60
C VAL A 134 -19.57 9.03 17.42
N CYS A 135 -19.12 9.54 16.28
CA CYS A 135 -19.46 10.89 15.87
C CYS A 135 -20.39 10.83 14.68
N LEU A 136 -21.52 11.50 14.79
CA LEU A 136 -22.55 11.46 13.74
C LEU A 136 -22.73 12.81 13.03
N LEU A 137 -22.60 12.77 11.71
CA LEU A 137 -22.82 13.93 10.87
C LEU A 137 -24.10 13.70 10.10
N ASN A 138 -25.13 14.49 10.42
CA ASN A 138 -26.47 14.22 9.95
C ASN A 138 -26.97 15.20 8.88
N ASN A 139 -27.62 14.65 7.85
CA ASN A 139 -28.32 15.42 6.81
C ASN A 139 -27.56 16.66 6.30
N PHE A 140 -26.44 16.41 5.65
CA PHE A 140 -25.61 17.49 5.11
C PHE A 140 -25.43 17.38 3.61
N TYR A 141 -25.12 18.50 2.97
CA TYR A 141 -24.87 18.55 1.54
C TYR A 141 -23.92 19.70 1.17
N PRO A 142 -22.94 19.46 0.27
CA PRO A 142 -22.63 18.20 -0.44
C PRO A 142 -21.98 17.13 0.44
N ARG A 143 -21.61 16.01 -0.19
CA ARG A 143 -21.08 14.83 0.48
C ARG A 143 -19.70 15.06 1.10
N GLU A 144 -18.91 15.98 0.53
CA GLU A 144 -17.56 16.27 0.99
C GLU A 144 -17.56 16.88 2.40
N ALA A 145 -16.87 16.18 3.31
CA ALA A 145 -16.75 16.58 4.71
C ALA A 145 -15.53 15.95 5.33
N LYS A 146 -14.98 16.59 6.36
CA LYS A 146 -13.85 16.03 7.11
C LYS A 146 -14.23 15.82 8.57
N VAL A 147 -13.72 14.74 9.15
CA VAL A 147 -13.83 14.50 10.59
C VAL A 147 -12.42 14.35 11.15
N GLN A 148 -12.11 15.13 12.18
CA GLN A 148 -10.83 15.05 12.85
C GLN A 148 -11.06 14.74 14.32
N TRP A 149 -10.59 13.58 14.75
CA TRP A 149 -10.71 13.21 16.15
C TRP A 149 -9.60 13.85 16.97
N LYS A 150 -9.97 14.31 18.17
CA LYS A 150 -9.00 14.85 19.12
C LYS A 150 -9.18 14.17 20.46
N VAL A 151 -8.06 13.85 21.09
CA VAL A 151 -8.05 13.34 22.46
C VAL A 151 -7.04 14.16 23.24
N ASP A 152 -7.55 15.05 24.09
CA ASP A 152 -6.74 16.05 24.84
C ASP A 152 -5.89 16.91 23.89
N ASN A 153 -6.53 17.39 22.83
CA ASN A 153 -5.87 18.12 21.75
C ASN A 153 -4.57 17.50 21.21
N ALA A 154 -4.57 16.16 21.18
CA ALA A 154 -3.66 15.42 20.35
C ALA A 154 -4.52 14.83 19.24
N LEU A 155 -4.36 15.38 18.03
CA LEU A 155 -5.13 14.95 16.85
C LEU A 155 -4.93 13.47 16.59
N GLN A 156 -5.98 12.80 16.12
CA GLN A 156 -5.93 11.37 15.86
C GLN A 156 -6.08 11.06 14.38
N SER A 157 -5.38 10.02 13.93
CA SER A 157 -5.70 9.35 12.68
C SER A 157 -5.18 7.91 12.72
N GLY A 158 -5.94 7.00 12.11
CA GLY A 158 -5.60 5.60 12.09
C GLY A 158 -6.56 4.75 12.90
N ASN A 159 -6.97 5.28 14.05
CA ASN A 159 -7.79 4.51 15.01
C ASN A 159 -9.29 4.77 14.92
N SER A 160 -9.74 5.32 13.80
CA SER A 160 -11.16 5.51 13.54
C SER A 160 -11.53 5.07 12.13
N GLN A 161 -12.77 4.60 11.97
CA GLN A 161 -13.32 4.27 10.67
C GLN A 161 -14.60 5.06 10.45
N GLU A 162 -14.91 5.38 9.19
CA GLU A 162 -16.16 6.08 8.88
C GLU A 162 -16.93 5.53 7.68
N SER A 163 -18.18 5.99 7.53
CA SER A 163 -19.14 5.38 6.62
C SER A 163 -20.28 6.36 6.30
N VAL A 164 -20.50 6.59 5.00
CA VAL A 164 -21.50 7.54 4.51
C VAL A 164 -22.73 6.83 3.95
N THR A 165 -23.93 7.39 4.17
CA THR A 165 -25.15 6.86 3.56
C THR A 165 -25.25 7.22 2.06
N GLU A 166 -26.21 6.59 1.39
CA GLU A 166 -26.56 6.99 0.04
C GLU A 166 -27.50 8.19 0.13
N GLN A 167 -27.49 9.04 -0.90
CA GLN A 167 -28.29 10.26 -0.92
C GLN A 167 -29.75 9.99 -0.57
N ASP A 168 -30.28 10.73 0.40
CA ASP A 168 -31.66 10.54 0.85
C ASP A 168 -32.63 10.93 -0.25
N SER A 169 -33.68 10.12 -0.42
CA SER A 169 -34.69 10.43 -1.43
C SER A 169 -35.61 11.55 -0.94
N LYS A 170 -35.85 11.59 0.36
CA LYS A 170 -36.74 12.59 0.97
C LYS A 170 -36.19 14.02 0.91
N ASP A 171 -34.92 14.21 1.28
CA ASP A 171 -34.34 15.56 1.36
C ASP A 171 -33.01 15.78 0.61
N SER A 172 -32.60 14.78 -0.19
CA SER A 172 -31.40 14.85 -1.03
C SER A 172 -30.08 15.06 -0.28
N THR A 173 -30.02 14.63 0.99
CA THR A 173 -28.81 14.81 1.79
C THR A 173 -28.12 13.51 2.18
N TYR A 174 -26.90 13.64 2.69
CA TYR A 174 -26.11 12.52 3.12
C TYR A 174 -25.91 12.56 4.63
N SER A 175 -25.45 11.43 5.17
CA SER A 175 -25.15 11.32 6.59
C SER A 175 -23.92 10.46 6.74
N LEU A 176 -23.05 10.82 7.67
CA LEU A 176 -21.79 10.12 7.88
C LEU A 176 -21.61 9.81 9.37
N SER A 177 -21.24 8.57 9.67
CA SER A 177 -20.87 8.21 11.04
C SER A 177 -19.40 7.78 11.10
N SER A 178 -18.71 8.23 12.13
CA SER A 178 -17.31 7.89 12.36
C SER A 178 -17.17 7.28 13.76
N THR A 179 -16.41 6.18 13.85
CA THR A 179 -16.23 5.50 15.13
C THR A 179 -14.77 5.46 15.53
N LEU A 180 -14.45 6.15 16.62
CA LEU A 180 -13.13 6.09 17.24
C LEU A 180 -13.08 4.93 18.24
N THR A 181 -12.35 3.88 17.87
CA THR A 181 -12.27 2.68 18.70
C THR A 181 -10.90 2.53 19.33
N LEU A 182 -10.90 2.36 20.65
CA LEU A 182 -9.69 2.08 21.41
C LEU A 182 -10.07 1.36 22.71
N SER A 183 -9.08 0.70 23.32
CA SER A 183 -9.30 -0.19 24.47
C SER A 183 -9.84 0.53 25.71
N LYS A 184 -10.42 -0.26 26.62
CA LYS A 184 -10.84 0.21 27.93
C LYS A 184 -9.70 0.99 28.59
N ALA A 185 -8.53 0.35 28.66
CA ALA A 185 -7.32 0.94 29.23
C ALA A 185 -6.97 2.30 28.62
N ASP A 186 -6.93 2.38 27.29
CA ASP A 186 -6.60 3.61 26.56
C ASP A 186 -7.63 4.73 26.76
N TYR A 187 -8.91 4.35 26.85
CA TYR A 187 -10.00 5.31 27.03
C TYR A 187 -9.96 5.97 28.41
N GLU A 188 -9.49 5.21 29.40
CA GLU A 188 -9.39 5.70 30.77
C GLU A 188 -8.16 6.57 31.01
N LYS A 189 -7.15 6.42 30.16
CA LYS A 189 -5.94 7.23 30.23
C LYS A 189 -6.15 8.70 29.83
N HIS A 190 -7.35 9.03 29.34
CA HIS A 190 -7.60 10.37 28.80
C HIS A 190 -8.91 11.01 29.29
N LYS A 191 -9.03 12.31 29.04
CA LYS A 191 -10.11 13.13 29.60
C LYS A 191 -11.11 13.62 28.54
N VAL A 192 -10.64 14.46 27.62
CA VAL A 192 -11.49 15.10 26.60
C VAL A 192 -11.55 14.29 25.29
N TYR A 193 -12.77 14.11 24.78
CA TYR A 193 -12.99 13.41 23.52
C TYR A 193 -13.76 14.28 22.54
N ALA A 194 -13.02 14.91 21.62
CA ALA A 194 -13.58 15.89 20.68
C ALA A 194 -13.77 15.33 19.27
N CYS A 195 -14.70 15.94 18.54
CA CYS A 195 -14.96 15.58 17.16
C CYS A 195 -15.09 16.83 16.31
N GLU A 196 -14.04 17.16 15.57
CA GLU A 196 -14.02 18.36 14.73
C GLU A 196 -14.51 18.05 13.31
N VAL A 197 -15.52 18.80 12.88
CA VAL A 197 -16.16 18.59 11.59
C VAL A 197 -15.95 19.81 10.68
N THR A 198 -15.45 19.58 9.48
CA THR A 198 -15.25 20.64 8.51
C THR A 198 -16.04 20.37 7.24
N HIS A 199 -17.29 20.81 7.25
CA HIS A 199 -18.13 20.79 6.07
C HIS A 199 -18.24 22.21 5.51
N GLN A 200 -18.39 22.32 4.19
CA GLN A 200 -18.47 23.63 3.54
C GLN A 200 -19.71 24.45 3.90
N GLY A 201 -20.70 23.81 4.53
CA GLY A 201 -21.90 24.50 5.00
C GLY A 201 -21.66 25.20 6.33
N LEU A 202 -20.41 25.22 6.78
CA LEU A 202 -20.03 25.86 8.03
C LEU A 202 -19.03 26.98 7.74
N SER A 203 -19.13 28.07 8.52
CA SER A 203 -18.22 29.22 8.36
C SER A 203 -16.82 28.83 8.79
N SER A 204 -16.74 28.12 9.92
CA SER A 204 -15.50 27.52 10.40
C SER A 204 -15.84 26.15 11.00
N PRO A 205 -14.82 25.29 11.23
CA PRO A 205 -15.00 23.99 11.88
C PRO A 205 -15.90 24.02 13.12
N VAL A 206 -16.59 22.90 13.34
CA VAL A 206 -17.43 22.71 14.54
C VAL A 206 -16.82 21.59 15.39
N THR A 207 -16.84 21.76 16.71
CA THR A 207 -16.28 20.75 17.61
C THR A 207 -17.32 20.31 18.64
N LYS A 208 -17.66 19.03 18.61
CA LYS A 208 -18.52 18.46 19.63
C LYS A 208 -17.72 17.50 20.49
N SER A 209 -17.77 17.71 21.80
CA SER A 209 -16.91 16.99 22.76
C SER A 209 -17.58 16.63 24.08
N PHE A 210 -16.96 15.69 24.80
CA PHE A 210 -17.43 15.32 26.14
C PHE A 210 -16.26 14.92 27.04
N ASN A 211 -16.43 15.17 28.33
CA ASN A 211 -15.46 14.74 29.34
C ASN A 211 -15.92 13.44 29.96
N ARG A 212 -15.06 12.42 29.93
CA ARG A 212 -15.40 11.07 30.36
C ARG A 212 -15.90 11.03 31.81
N GLY A 213 -17.08 10.43 32.00
CA GLY A 213 -17.71 10.32 33.32
C GLY A 213 -18.90 11.26 33.48
N VAL B 2 -35.39 -13.79 -20.40
CA VAL B 2 -34.80 -14.94 -19.73
C VAL B 2 -34.69 -14.67 -18.22
N GLN B 3 -34.51 -15.73 -17.44
CA GLN B 3 -34.43 -15.60 -15.99
C GLN B 3 -33.11 -16.15 -15.45
N LEU B 4 -32.17 -15.25 -15.15
CA LEU B 4 -30.86 -15.63 -14.60
C LEU B 4 -30.90 -15.71 -13.08
N VAL B 5 -30.68 -16.91 -12.54
CA VAL B 5 -30.67 -17.11 -11.09
C VAL B 5 -29.29 -17.59 -10.64
N GLN B 6 -28.66 -16.84 -9.75
CA GLN B 6 -27.35 -17.20 -9.23
C GLN B 6 -27.46 -18.03 -7.95
N SER B 7 -26.35 -18.64 -7.55
CA SER B 7 -26.29 -19.47 -6.34
C SER B 7 -26.32 -18.63 -5.08
N GLY B 8 -26.59 -19.27 -3.95
CA GLY B 8 -26.57 -18.61 -2.64
C GLY B 8 -25.19 -18.09 -2.28
N ALA B 9 -25.16 -17.00 -1.52
CA ALA B 9 -23.91 -16.38 -1.09
C ALA B 9 -23.15 -17.30 -0.13
N GLU B 10 -21.83 -17.18 -0.12
CA GLU B 10 -20.99 -18.04 0.72
C GLU B 10 -19.72 -17.39 1.25
N VAL B 11 -19.12 -18.05 2.23
CA VAL B 11 -17.93 -17.56 2.93
C VAL B 11 -16.86 -18.64 2.95
N LYS B 12 -15.70 -18.32 2.41
CA LYS B 12 -14.58 -19.27 2.29
C LYS B 12 -13.33 -18.75 2.98
N LYS B 13 -12.51 -19.67 3.49
CA LYS B 13 -11.22 -19.33 4.11
C LYS B 13 -10.19 -19.04 3.00
N PRO B 14 -9.20 -18.17 3.28
CA PRO B 14 -8.17 -17.86 2.28
C PRO B 14 -7.40 -19.10 1.85
N GLY B 15 -7.04 -19.16 0.57
CA GLY B 15 -6.35 -20.32 0.02
C GLY B 15 -7.27 -21.29 -0.71
N SER B 16 -8.50 -21.44 -0.20
CA SER B 16 -9.47 -22.38 -0.77
C SER B 16 -10.07 -21.92 -2.11
N SER B 17 -11.15 -22.59 -2.53
CA SER B 17 -11.80 -22.30 -3.81
C SER B 17 -13.29 -22.02 -3.66
N VAL B 18 -13.87 -21.34 -4.64
CA VAL B 18 -15.30 -21.09 -4.69
C VAL B 18 -15.84 -21.42 -6.09
N LYS B 19 -17.07 -21.92 -6.14
CA LYS B 19 -17.73 -22.23 -7.41
C LYS B 19 -19.13 -21.63 -7.43
N VAL B 20 -19.32 -20.63 -8.28
CA VAL B 20 -20.59 -19.89 -8.36
C VAL B 20 -21.40 -20.29 -9.58
N SER B 21 -22.60 -20.83 -9.35
CA SER B 21 -23.48 -21.27 -10.43
C SER B 21 -24.45 -20.18 -10.86
N CYS B 22 -24.86 -20.24 -12.12
CA CYS B 22 -25.75 -19.25 -12.73
C CYS B 22 -26.70 -19.93 -13.72
N LYS B 23 -27.92 -20.21 -13.27
CA LYS B 23 -28.95 -20.90 -14.05
C LYS B 23 -29.67 -19.94 -15.01
N ALA B 24 -29.85 -20.37 -16.26
CA ALA B 24 -30.62 -19.62 -17.27
C ALA B 24 -31.81 -20.43 -17.80
N SER B 25 -32.92 -19.76 -18.06
CA SER B 25 -34.14 -20.40 -18.58
C SER B 25 -34.98 -19.42 -19.37
N GLY B 26 -35.34 -19.81 -20.59
CA GLY B 26 -36.04 -18.93 -21.53
C GLY B 26 -35.09 -18.49 -22.64
N GLY B 27 -35.58 -17.64 -23.54
CA GLY B 27 -34.79 -17.11 -24.64
C GLY B 27 -34.44 -18.13 -25.69
N THR B 28 -35.02 -17.97 -26.88
CA THR B 28 -34.81 -18.88 -28.02
C THR B 28 -33.34 -18.97 -28.42
N PHE B 29 -32.66 -17.82 -28.39
CA PHE B 29 -31.26 -17.67 -28.80
C PHE B 29 -30.33 -18.65 -28.07
N SER B 30 -30.02 -19.76 -28.73
CA SER B 30 -29.12 -20.78 -28.18
C SER B 30 -27.71 -20.62 -28.76
N SER B 31 -27.21 -19.38 -28.76
CA SER B 31 -25.87 -19.05 -29.25
C SER B 31 -25.27 -17.94 -28.38
N TYR B 32 -25.70 -17.92 -27.12
CA TYR B 32 -25.46 -16.83 -26.18
C TYR B 32 -24.06 -16.81 -25.57
N ALA B 33 -23.65 -15.63 -25.10
CA ALA B 33 -22.38 -15.44 -24.41
C ALA B 33 -22.59 -15.08 -22.93
N ILE B 34 -21.75 -15.66 -22.08
CA ILE B 34 -21.81 -15.45 -20.62
C ILE B 34 -20.59 -14.68 -20.14
N SER B 35 -20.83 -13.61 -19.38
CA SER B 35 -19.76 -12.81 -18.80
C SER B 35 -19.83 -12.79 -17.28
N TRP B 36 -18.66 -12.83 -16.63
CA TRP B 36 -18.58 -12.79 -15.18
C TRP B 36 -17.89 -11.51 -14.71
N VAL B 37 -18.64 -10.69 -13.99
CA VAL B 37 -18.16 -9.39 -13.50
C VAL B 37 -18.32 -9.32 -11.98
N ARG B 38 -17.24 -8.96 -11.29
CA ARG B 38 -17.27 -8.80 -9.84
C ARG B 38 -17.15 -7.35 -9.42
N GLN B 39 -17.58 -7.07 -8.18
CA GLN B 39 -17.57 -5.72 -7.64
C GLN B 39 -17.31 -5.75 -6.14
N ALA B 40 -16.06 -5.47 -5.77
CA ALA B 40 -15.66 -5.36 -4.37
C ALA B 40 -16.40 -4.17 -3.75
N PRO B 41 -16.71 -4.22 -2.44
CA PRO B 41 -17.61 -3.20 -1.86
C PRO B 41 -16.99 -1.80 -1.95
N GLY B 42 -17.76 -0.86 -2.48
CA GLY B 42 -17.28 0.51 -2.68
C GLY B 42 -16.50 0.75 -3.96
N GLN B 43 -15.96 -0.31 -4.55
CA GLN B 43 -15.12 -0.20 -5.76
C GLN B 43 -15.96 -0.34 -7.03
N GLY B 44 -15.31 -0.11 -8.18
CA GLY B 44 -15.97 -0.18 -9.49
C GLY B 44 -16.22 -1.58 -10.01
N LEU B 45 -16.52 -1.69 -11.29
CA LEU B 45 -16.77 -2.99 -11.91
C LEU B 45 -15.49 -3.61 -12.45
N GLU B 46 -15.39 -4.92 -12.32
CA GLU B 46 -14.21 -5.66 -12.74
C GLU B 46 -14.63 -6.92 -13.50
N TRP B 47 -14.23 -7.01 -14.76
CA TRP B 47 -14.48 -8.19 -15.59
C TRP B 47 -13.45 -9.27 -15.28
N MET B 48 -13.86 -10.53 -15.39
CA MET B 48 -13.02 -11.66 -15.03
C MET B 48 -12.84 -12.66 -16.16
N GLY B 49 -13.93 -12.92 -16.89
CA GLY B 49 -13.90 -13.89 -17.97
C GLY B 49 -15.22 -13.97 -18.70
N GLY B 50 -15.16 -14.50 -19.92
CA GLY B 50 -16.34 -14.69 -20.75
C GLY B 50 -16.31 -16.03 -21.44
N ILE B 51 -17.45 -16.72 -21.44
CA ILE B 51 -17.57 -17.99 -22.15
C ILE B 51 -18.74 -17.94 -23.15
N ILE B 52 -18.55 -18.58 -24.30
CA ILE B 52 -19.67 -18.86 -25.20
C ILE B 52 -19.93 -20.37 -25.13
N PRO B 53 -20.87 -20.79 -24.24
CA PRO B 53 -21.06 -22.20 -23.87
C PRO B 53 -21.24 -23.13 -25.06
N ILE B 54 -21.99 -22.68 -26.07
CA ILE B 54 -22.32 -23.52 -27.23
C ILE B 54 -21.06 -23.89 -27.99
N PHE B 55 -20.31 -22.86 -28.39
CA PHE B 55 -19.05 -23.01 -29.11
C PHE B 55 -17.93 -23.67 -28.30
N GLY B 56 -17.95 -23.45 -26.98
CA GLY B 56 -16.92 -24.00 -26.10
C GLY B 56 -15.71 -23.09 -25.95
N THR B 57 -15.81 -21.86 -26.47
CA THR B 57 -14.72 -20.86 -26.40
C THR B 57 -14.84 -19.98 -25.14
N ALA B 58 -13.70 -19.71 -24.50
CA ALA B 58 -13.68 -18.90 -23.26
C ALA B 58 -12.40 -18.07 -23.12
N ASN B 59 -12.60 -16.79 -22.80
CA ASN B 59 -11.52 -15.85 -22.52
C ASN B 59 -11.39 -15.57 -21.01
N TYR B 60 -10.22 -15.12 -20.60
CA TYR B 60 -9.99 -14.75 -19.20
C TYR B 60 -9.21 -13.43 -19.06
N ALA B 61 -9.29 -12.85 -17.87
CA ALA B 61 -8.59 -11.61 -17.57
C ALA B 61 -7.12 -11.85 -17.19
N GLN B 62 -6.27 -10.96 -17.69
CA GLN B 62 -4.84 -10.93 -17.39
C GLN B 62 -4.59 -11.14 -15.89
N LYS B 63 -5.23 -10.31 -15.08
CA LYS B 63 -5.08 -10.33 -13.62
C LYS B 63 -5.19 -11.74 -13.01
N PHE B 64 -6.35 -12.37 -13.16
CA PHE B 64 -6.65 -13.63 -12.47
C PHE B 64 -6.00 -14.86 -13.10
N GLN B 65 -5.87 -14.83 -14.43
CA GLN B 65 -5.51 -15.99 -15.25
C GLN B 65 -4.77 -17.12 -14.51
N GLY B 66 -5.39 -18.30 -14.49
CA GLY B 66 -4.87 -19.44 -13.77
C GLY B 66 -5.75 -19.77 -12.58
N ARG B 67 -6.16 -18.72 -11.86
CA ARG B 67 -7.02 -18.88 -10.69
C ARG B 67 -8.49 -19.06 -11.04
N VAL B 68 -8.85 -18.74 -12.28
CA VAL B 68 -10.26 -18.71 -12.70
C VAL B 68 -10.57 -19.63 -13.88
N THR B 69 -11.58 -20.48 -13.69
CA THR B 69 -12.08 -21.33 -14.75
C THR B 69 -13.58 -21.17 -14.86
N ILE B 70 -14.06 -20.90 -16.07
CA ILE B 70 -15.50 -20.73 -16.32
C ILE B 70 -16.02 -21.88 -17.17
N THR B 71 -16.84 -22.73 -16.56
CA THR B 71 -17.41 -23.90 -17.22
C THR B 71 -18.91 -23.68 -17.47
N ALA B 72 -19.50 -24.53 -18.31
CA ALA B 72 -20.93 -24.45 -18.62
C ALA B 72 -21.54 -25.82 -18.94
N ASP B 73 -22.54 -26.21 -18.15
CA ASP B 73 -23.35 -27.39 -18.41
C ASP B 73 -24.49 -27.01 -19.35
N GLU B 74 -24.30 -27.34 -20.63
CA GLU B 74 -25.18 -26.90 -21.71
C GLU B 74 -26.62 -27.43 -21.60
N SER B 75 -26.79 -28.57 -20.93
CA SER B 75 -28.10 -29.20 -20.78
C SER B 75 -29.07 -28.36 -19.93
N THR B 76 -28.59 -27.89 -18.78
CA THR B 76 -29.43 -27.07 -17.88
C THR B 76 -29.13 -25.57 -18.00
N SER B 77 -28.46 -25.19 -19.09
CA SER B 77 -28.08 -23.79 -19.35
C SER B 77 -27.48 -23.05 -18.15
N THR B 78 -26.77 -23.79 -17.31
CA THR B 78 -26.18 -23.23 -16.10
C THR B 78 -24.70 -22.93 -16.31
N ALA B 79 -24.33 -21.66 -16.15
CA ALA B 79 -22.92 -21.24 -16.22
C ALA B 79 -22.26 -21.35 -14.86
N TYR B 80 -20.94 -21.50 -14.86
CA TYR B 80 -20.19 -21.67 -13.62
C TYR B 80 -18.96 -20.78 -13.59
N MET B 81 -18.52 -20.42 -12.38
CA MET B 81 -17.36 -19.57 -12.19
C MET B 81 -16.57 -20.08 -11.00
N GLU B 82 -15.40 -20.64 -11.28
CA GLU B 82 -14.56 -21.17 -10.21
C GLU B 82 -13.34 -20.28 -10.02
N LEU B 83 -13.21 -19.73 -8.81
CA LEU B 83 -12.04 -18.96 -8.43
C LEU B 83 -11.33 -19.68 -7.28
N SER B 84 -10.07 -20.04 -7.52
CA SER B 84 -9.27 -20.76 -6.53
C SER B 84 -8.21 -19.84 -5.93
N SER B 85 -7.38 -20.40 -5.04
CA SER B 85 -6.31 -19.66 -4.36
C SER B 85 -6.78 -18.28 -3.91
N LEU B 86 -7.78 -18.28 -3.03
CA LEU B 86 -8.46 -17.05 -2.64
C LEU B 86 -7.64 -16.22 -1.66
N ARG B 87 -7.75 -14.89 -1.81
CA ARG B 87 -7.21 -13.93 -0.87
C ARG B 87 -8.32 -12.97 -0.42
N SER B 88 -8.00 -12.16 0.59
CA SER B 88 -8.95 -11.17 1.13
C SER B 88 -9.51 -10.28 0.02
N GLU B 89 -8.63 -9.85 -0.87
CA GLU B 89 -8.96 -8.96 -1.98
C GLU B 89 -10.10 -9.47 -2.86
N ASP B 90 -10.36 -10.77 -2.80
CA ASP B 90 -11.37 -11.40 -3.65
C ASP B 90 -12.80 -11.28 -3.11
N THR B 91 -12.94 -10.70 -1.92
CA THR B 91 -14.26 -10.48 -1.33
C THR B 91 -15.05 -9.49 -2.19
N ALA B 92 -16.15 -9.97 -2.77
CA ALA B 92 -16.93 -9.18 -3.71
C ALA B 92 -18.31 -9.77 -3.96
N VAL B 93 -19.17 -8.98 -4.58
CA VAL B 93 -20.40 -9.49 -5.17
C VAL B 93 -20.06 -9.86 -6.63
N TYR B 94 -20.44 -11.07 -7.03
CA TYR B 94 -20.13 -11.59 -8.36
C TYR B 94 -21.38 -11.74 -9.22
N TYR B 95 -21.31 -11.24 -10.45
CA TYR B 95 -22.45 -11.27 -11.38
C TYR B 95 -22.18 -12.09 -12.63
N CYS B 96 -23.17 -12.86 -13.06
CA CYS B 96 -23.16 -13.43 -14.41
C CYS B 96 -24.05 -12.59 -15.29
N ALA B 97 -23.60 -12.34 -16.52
CA ALA B 97 -24.37 -11.56 -17.48
C ALA B 97 -24.48 -12.28 -18.81
N ARG B 98 -25.72 -12.51 -19.25
CA ARG B 98 -26.00 -13.16 -20.53
C ARG B 98 -26.23 -12.12 -21.63
N TYR B 99 -25.68 -12.36 -22.82
CA TYR B 99 -25.83 -11.44 -23.95
C TYR B 99 -26.38 -12.15 -25.18
N ASP B 100 -27.49 -11.65 -25.70
CA ASP B 100 -28.22 -12.30 -26.79
C ASP B 100 -28.37 -11.45 -28.04
N GLY B 101 -28.52 -12.13 -29.18
CA GLY B 101 -28.95 -11.50 -30.43
C GLY B 101 -27.89 -10.69 -31.14
N ILE B 102 -27.33 -11.29 -32.19
CA ILE B 102 -26.36 -10.63 -33.09
C ILE B 102 -25.29 -9.84 -32.33
N TYR B 103 -25.55 -8.55 -32.12
CA TYR B 103 -24.59 -7.63 -31.51
C TYR B 103 -24.43 -7.86 -30.00
N GLY B 104 -25.35 -8.62 -29.42
CA GLY B 104 -25.37 -8.84 -27.97
C GLY B 104 -26.11 -7.71 -27.27
N GLU B 105 -27.16 -7.20 -27.92
CA GLU B 105 -27.90 -6.04 -27.43
C GLU B 105 -28.84 -6.36 -26.27
N LEU B 106 -29.16 -7.64 -26.10
CA LEU B 106 -30.05 -8.08 -25.03
C LEU B 106 -29.31 -8.31 -23.72
N ASP B 107 -29.68 -7.52 -22.72
CA ASP B 107 -28.99 -7.45 -21.44
C ASP B 107 -29.75 -8.27 -20.39
N PHE B 108 -29.08 -9.25 -19.79
CA PHE B 108 -29.66 -10.06 -18.71
C PHE B 108 -28.63 -10.33 -17.61
N TRP B 109 -29.04 -10.15 -16.35
CA TRP B 109 -28.12 -10.30 -15.21
C TRP B 109 -28.65 -11.20 -14.09
N GLY B 110 -27.73 -11.84 -13.37
CA GLY B 110 -28.09 -12.57 -12.16
C GLY B 110 -28.30 -11.59 -11.02
N GLN B 111 -28.80 -12.07 -9.88
CA GLN B 111 -29.04 -11.19 -8.74
C GLN B 111 -27.76 -10.82 -8.01
N GLY B 112 -26.70 -11.57 -8.30
CA GLY B 112 -25.40 -11.38 -7.65
C GLY B 112 -25.15 -12.41 -6.55
N THR B 113 -23.88 -12.75 -6.36
CA THR B 113 -23.48 -13.69 -5.33
C THR B 113 -22.38 -13.05 -4.48
N LEU B 114 -22.62 -12.99 -3.18
CA LEU B 114 -21.65 -12.43 -2.25
C LEU B 114 -20.66 -13.49 -1.79
N VAL B 115 -19.38 -13.27 -2.08
CA VAL B 115 -18.32 -14.14 -1.60
C VAL B 115 -17.49 -13.37 -0.58
N THR B 116 -17.47 -13.88 0.65
CA THR B 116 -16.68 -13.27 1.71
C THR B 116 -15.47 -14.17 1.98
N VAL B 117 -14.28 -13.64 1.72
CA VAL B 117 -13.05 -14.38 1.95
C VAL B 117 -12.32 -13.82 3.17
N SER B 118 -12.38 -14.57 4.27
CA SER B 118 -11.80 -14.14 5.53
C SER B 118 -11.32 -15.30 6.40
N SER B 119 -10.40 -14.99 7.32
CA SER B 119 -9.90 -15.96 8.29
C SER B 119 -10.95 -16.22 9.37
N ALA B 120 -11.29 -15.16 10.13
CA ALA B 120 -12.22 -15.25 11.26
C ALA B 120 -13.59 -15.81 10.85
N SER B 121 -14.18 -16.60 11.74
CA SER B 121 -15.40 -17.35 11.44
C SER B 121 -16.68 -16.76 12.03
N THR B 122 -17.81 -17.33 11.59
CA THR B 122 -19.16 -16.87 11.93
C THR B 122 -19.35 -16.52 13.39
N LYS B 123 -19.75 -15.27 13.65
CA LYS B 123 -19.97 -14.79 15.01
C LYS B 123 -21.16 -13.83 15.09
N GLY B 124 -21.89 -13.90 16.20
CA GLY B 124 -23.03 -13.01 16.43
C GLY B 124 -22.60 -11.59 16.76
N PRO B 125 -23.50 -10.63 16.53
CA PRO B 125 -23.21 -9.23 16.86
C PRO B 125 -23.50 -8.90 18.33
N SER B 126 -22.84 -7.85 18.82
CA SER B 126 -23.15 -7.28 20.13
C SER B 126 -23.76 -5.90 19.91
N VAL B 127 -24.99 -5.73 20.36
CA VAL B 127 -25.70 -4.47 20.18
C VAL B 127 -25.51 -3.56 21.40
N PHE B 128 -24.90 -2.40 21.16
CA PHE B 128 -24.67 -1.41 22.21
C PHE B 128 -25.45 -0.13 21.93
N PRO B 129 -26.08 0.45 22.97
CA PRO B 129 -26.93 1.61 22.75
C PRO B 129 -26.16 2.93 22.71
N LEU B 130 -26.53 3.80 21.76
CA LEU B 130 -26.02 5.15 21.70
C LEU B 130 -27.05 6.10 22.29
N ALA B 131 -26.94 6.33 23.60
CA ALA B 131 -27.90 7.12 24.38
C ALA B 131 -28.12 8.52 23.81
N PRO B 132 -29.40 8.95 23.70
CA PRO B 132 -29.84 10.22 23.13
C PRO B 132 -29.06 11.46 23.62
N SER B 133 -28.86 12.40 22.70
CA SER B 133 -28.10 13.64 22.94
C SER B 133 -28.60 14.43 24.15
N THR B 141 -35.65 18.33 18.46
CA THR B 141 -35.43 16.92 18.11
C THR B 141 -34.05 16.41 18.55
N ALA B 142 -34.04 15.22 19.13
CA ALA B 142 -32.81 14.60 19.64
C ALA B 142 -32.49 13.30 18.92
N ALA B 143 -31.20 13.01 18.77
CA ALA B 143 -30.74 11.83 18.02
C ALA B 143 -30.27 10.70 18.94
N LEU B 144 -30.68 9.49 18.60
CA LEU B 144 -30.24 8.28 19.30
C LEU B 144 -30.03 7.11 18.32
N GLY B 145 -29.44 6.02 18.78
CA GLY B 145 -29.21 4.86 17.92
C GLY B 145 -28.53 3.66 18.54
N CYS B 146 -28.25 2.66 17.71
CA CYS B 146 -27.59 1.43 18.14
C CYS B 146 -26.24 1.25 17.46
N LEU B 147 -25.37 0.46 18.11
CA LEU B 147 -24.08 0.10 17.53
C LEU B 147 -23.94 -1.43 17.44
N VAL B 148 -24.13 -1.95 16.23
CA VAL B 148 -24.03 -3.38 15.97
C VAL B 148 -22.57 -3.73 15.71
N LYS B 149 -21.87 -4.17 16.76
CA LYS B 149 -20.43 -4.37 16.70
C LYS B 149 -20.01 -5.84 16.68
N ASP B 150 -18.95 -6.12 15.92
CA ASP B 150 -18.25 -7.42 15.91
C ASP B 150 -19.12 -8.60 15.45
N TYR B 151 -19.55 -8.56 14.20
CA TYR B 151 -20.30 -9.67 13.59
C TYR B 151 -19.64 -10.20 12.33
N PHE B 152 -19.99 -11.42 11.95
CA PHE B 152 -19.48 -12.06 10.73
C PHE B 152 -20.37 -13.22 10.27
N PRO B 153 -20.66 -13.30 8.96
CA PRO B 153 -20.30 -12.33 7.93
C PRO B 153 -21.43 -11.31 7.68
N GLU B 154 -21.40 -10.64 6.53
CA GLU B 154 -22.51 -9.81 6.11
C GLU B 154 -23.63 -10.69 5.51
N PRO B 155 -24.88 -10.17 5.50
CA PRO B 155 -25.28 -8.87 6.01
C PRO B 155 -25.97 -8.95 7.38
N VAL B 156 -26.37 -7.79 7.89
CA VAL B 156 -27.30 -7.68 9.01
C VAL B 156 -28.46 -6.77 8.61
N THR B 157 -29.58 -6.88 9.32
CA THR B 157 -30.73 -6.00 9.09
C THR B 157 -31.19 -5.35 10.38
N VAL B 158 -31.28 -4.03 10.35
CA VAL B 158 -31.71 -3.26 11.51
C VAL B 158 -33.06 -2.61 11.21
N SER B 159 -34.00 -2.78 12.13
CA SER B 159 -35.28 -2.07 12.09
C SER B 159 -35.59 -1.53 13.49
N TRP B 160 -36.57 -0.63 13.58
CA TRP B 160 -36.92 -0.01 14.86
C TRP B 160 -38.40 -0.18 15.20
N ASN B 161 -38.65 -0.74 16.38
CA ASN B 161 -39.99 -1.08 16.87
C ASN B 161 -40.74 -2.03 15.94
N SER B 162 -39.98 -2.99 15.37
CA SER B 162 -40.48 -3.97 14.40
C SER B 162 -40.92 -3.37 13.07
N GLY B 163 -40.49 -2.13 12.82
CA GLY B 163 -40.84 -1.43 11.58
C GLY B 163 -41.84 -0.30 11.81
N ALA B 164 -42.27 -0.14 13.06
CA ALA B 164 -43.21 0.93 13.44
C ALA B 164 -42.56 2.30 13.34
N LEU B 165 -41.26 2.36 13.62
CA LEU B 165 -40.48 3.58 13.43
C LEU B 165 -39.53 3.40 12.25
N THR B 166 -39.88 4.03 11.13
CA THR B 166 -39.08 3.97 9.91
C THR B 166 -38.83 5.36 9.35
N SER B 167 -39.33 6.39 10.05
CA SER B 167 -39.17 7.76 9.61
C SER B 167 -37.98 8.44 10.31
N GLY B 168 -36.98 8.81 9.52
CA GLY B 168 -35.77 9.47 10.04
C GLY B 168 -34.65 8.53 10.48
N VAL B 169 -34.77 7.25 10.11
CA VAL B 169 -33.77 6.25 10.47
C VAL B 169 -32.61 6.21 9.47
N HIS B 170 -31.39 6.15 9.98
CA HIS B 170 -30.20 5.98 9.15
C HIS B 170 -29.39 4.75 9.56
N THR B 171 -29.43 3.72 8.72
CA THR B 171 -28.53 2.58 8.85
C THR B 171 -27.35 2.82 7.90
N PHE B 172 -26.16 2.89 8.49
CA PHE B 172 -24.94 3.17 7.76
C PHE B 172 -24.32 1.88 7.25
N PRO B 173 -23.63 1.94 6.09
CA PRO B 173 -22.89 0.78 5.62
C PRO B 173 -21.90 0.33 6.68
N ALA B 174 -21.71 -0.98 6.80
CA ALA B 174 -20.74 -1.55 7.74
C ALA B 174 -19.32 -1.17 7.38
N VAL B 175 -18.41 -1.34 8.34
CA VAL B 175 -16.98 -1.16 8.10
C VAL B 175 -16.28 -2.42 8.54
N LEU B 176 -15.09 -2.68 7.99
CA LEU B 176 -14.32 -3.85 8.37
C LEU B 176 -13.22 -3.51 9.35
N GLN B 177 -13.35 -4.00 10.58
CA GLN B 177 -12.35 -3.79 11.61
C GLN B 177 -11.15 -4.70 11.37
N SER B 178 -10.01 -4.36 11.98
CA SER B 178 -8.78 -5.16 11.85
C SER B 178 -8.98 -6.58 12.34
N SER B 179 -9.85 -6.75 13.34
CA SER B 179 -10.21 -8.08 13.85
C SER B 179 -10.84 -8.98 12.78
N GLY B 180 -11.21 -8.40 11.65
CA GLY B 180 -11.85 -9.13 10.55
C GLY B 180 -13.37 -9.21 10.69
N LEU B 181 -13.89 -8.58 11.74
CA LEU B 181 -15.33 -8.54 12.00
C LEU B 181 -15.91 -7.19 11.59
N TYR B 182 -17.20 -7.16 11.34
CA TYR B 182 -17.88 -5.95 10.88
C TYR B 182 -18.49 -5.16 12.03
N SER B 183 -18.47 -3.84 11.90
CA SER B 183 -19.15 -2.94 12.84
C SER B 183 -20.08 -2.02 12.09
N LEU B 184 -21.27 -1.82 12.67
CA LEU B 184 -22.31 -1.02 12.04
C LEU B 184 -23.02 -0.18 13.10
N SER B 185 -23.51 0.98 12.68
CA SER B 185 -24.31 1.83 13.56
C SER B 185 -25.59 2.29 12.87
N SER B 186 -26.69 2.26 13.61
CA SER B 186 -27.96 2.79 13.16
C SER B 186 -28.30 4.00 14.02
N VAL B 187 -28.85 5.04 13.41
CA VAL B 187 -29.32 6.20 14.18
C VAL B 187 -30.71 6.64 13.74
N VAL B 188 -31.36 7.43 14.58
CA VAL B 188 -32.73 7.89 14.33
C VAL B 188 -32.98 9.24 15.02
N THR B 189 -33.45 10.21 14.25
CA THR B 189 -33.87 11.50 14.78
C THR B 189 -35.31 11.37 15.29
N VAL B 190 -35.47 11.51 16.60
CA VAL B 190 -36.79 11.46 17.24
C VAL B 190 -37.09 12.79 17.94
N PRO B 191 -38.39 13.07 18.20
CA PRO B 191 -38.77 14.26 18.99
C PRO B 191 -38.18 14.23 20.40
N SER B 192 -37.68 15.37 20.86
CA SER B 192 -37.08 15.51 22.18
C SER B 192 -38.10 15.19 23.28
N SER B 193 -39.33 15.65 23.09
CA SER B 193 -40.41 15.50 24.06
C SER B 193 -40.86 14.06 24.28
N SER B 194 -40.63 13.21 23.29
CA SER B 194 -41.05 11.82 23.34
C SER B 194 -40.06 10.92 24.10
N LEU B 195 -38.93 11.48 24.50
CA LEU B 195 -37.86 10.71 25.14
C LEU B 195 -38.31 9.94 26.38
N GLY B 196 -38.62 10.66 27.46
CA GLY B 196 -39.03 10.02 28.71
C GLY B 196 -40.46 9.51 28.71
N THR B 197 -41.00 9.23 27.52
CA THR B 197 -42.39 8.80 27.36
C THR B 197 -42.58 7.66 26.35
N GLN B 198 -41.82 7.71 25.25
CA GLN B 198 -41.93 6.70 24.18
C GLN B 198 -40.77 5.71 24.17
N THR B 199 -41.10 4.43 23.94
CA THR B 199 -40.10 3.35 23.92
C THR B 199 -39.45 3.20 22.55
N TYR B 200 -38.12 3.10 22.56
CA TYR B 200 -37.34 2.90 21.34
C TYR B 200 -36.46 1.65 21.44
N ILE B 201 -36.74 0.68 20.57
CA ILE B 201 -35.98 -0.57 20.54
C ILE B 201 -35.53 -0.85 19.11
N CYS B 202 -34.24 -1.10 18.94
CA CYS B 202 -33.73 -1.56 17.64
C CYS B 202 -33.71 -3.09 17.61
N ASN B 203 -34.22 -3.64 16.52
CA ASN B 203 -34.21 -5.07 16.28
C ASN B 203 -33.11 -5.39 15.29
N VAL B 204 -32.12 -6.13 15.74
CA VAL B 204 -31.00 -6.51 14.89
C VAL B 204 -31.11 -7.98 14.52
N ASN B 205 -31.27 -8.23 13.23
CA ASN B 205 -31.35 -9.60 12.71
C ASN B 205 -30.10 -9.95 11.92
N HIS B 206 -29.44 -11.04 12.33
CA HIS B 206 -28.27 -11.56 11.63
C HIS B 206 -28.52 -13.00 11.20
N LYS B 207 -29.13 -13.15 10.03
CA LYS B 207 -29.49 -14.46 9.49
C LYS B 207 -28.33 -15.47 9.45
N PRO B 208 -27.16 -15.08 8.88
CA PRO B 208 -26.01 -16.00 8.79
C PRO B 208 -25.60 -16.67 10.12
N SER B 209 -25.43 -15.89 11.18
CA SER B 209 -25.01 -16.44 12.48
C SER B 209 -26.17 -17.00 13.28
N ASN B 210 -27.37 -16.91 12.74
CA ASN B 210 -28.59 -17.38 13.40
C ASN B 210 -28.78 -16.68 14.75
N THR B 211 -28.96 -15.37 14.70
CA THR B 211 -29.08 -14.54 15.91
C THR B 211 -29.95 -13.30 15.67
N LYS B 212 -31.03 -13.19 16.43
CA LYS B 212 -31.83 -11.96 16.50
C LYS B 212 -31.77 -11.37 17.91
N VAL B 213 -31.37 -10.11 18.00
CA VAL B 213 -31.25 -9.42 19.29
C VAL B 213 -31.98 -8.08 19.25
N ASP B 214 -32.79 -7.85 20.28
CA ASP B 214 -33.49 -6.58 20.45
C ASP B 214 -32.91 -5.81 21.63
N LYS B 215 -32.81 -4.49 21.49
CA LYS B 215 -32.17 -3.67 22.52
C LYS B 215 -32.91 -2.35 22.73
N LYS B 216 -33.32 -2.12 23.97
CA LYS B 216 -34.03 -0.91 24.35
C LYS B 216 -33.02 0.22 24.56
N VAL B 217 -33.20 1.31 23.82
CA VAL B 217 -32.33 2.49 23.97
C VAL B 217 -33.04 3.56 24.78
N GLU B 218 -32.38 4.00 25.85
CA GLU B 218 -32.93 4.99 26.78
C GLU B 218 -31.80 5.86 27.34
N PRO B 219 -32.13 7.07 27.84
CA PRO B 219 -31.11 7.89 28.50
C PRO B 219 -30.54 7.20 29.74
N LYS B 220 -29.23 7.32 29.94
CA LYS B 220 -28.56 6.72 31.10
C LYS B 220 -27.66 7.74 31.80
N GLU C 1 -6.72 2.56 -3.21
CA GLU C 1 -5.25 2.38 -3.27
C GLU C 1 -4.78 2.33 -4.73
N ILE C 2 -4.11 3.40 -5.16
CA ILE C 2 -3.65 3.51 -6.56
C ILE C 2 -2.21 3.04 -6.74
N VAL C 3 -2.02 2.14 -7.69
CA VAL C 3 -0.68 1.66 -8.03
C VAL C 3 0.02 2.63 -9.00
N LEU C 4 1.08 3.28 -8.50
CA LEU C 4 1.96 4.05 -9.35
C LEU C 4 3.05 3.13 -9.86
N THR C 5 3.39 3.27 -11.13
CA THR C 5 4.39 2.43 -11.76
C THR C 5 5.41 3.28 -12.49
N GLN C 6 6.64 3.28 -12.01
CA GLN C 6 7.69 4.05 -12.63
C GLN C 6 8.44 3.21 -13.69
N SER C 7 9.14 3.90 -14.58
CA SER C 7 9.90 3.23 -15.64
C SER C 7 11.04 4.10 -16.15
N PRO C 8 12.21 3.50 -16.42
CA PRO C 8 12.54 2.10 -16.11
C PRO C 8 12.99 1.94 -14.66
N GLY C 9 13.45 0.73 -14.31
CA GLY C 9 13.99 0.47 -12.98
C GLY C 9 15.26 1.28 -12.76
N THR C 10 16.20 1.13 -13.68
CA THR C 10 17.45 1.87 -13.65
C THR C 10 17.61 2.71 -14.91
N LEU C 11 18.08 3.94 -14.75
CA LEU C 11 18.33 4.81 -15.88
C LEU C 11 19.81 5.20 -15.89
N SER C 12 20.60 4.41 -16.61
CA SER C 12 22.05 4.56 -16.64
C SER C 12 22.46 5.66 -17.62
N LEU C 13 23.04 6.75 -17.10
CA LEU C 13 23.36 7.94 -17.91
C LEU C 13 24.67 8.64 -17.54
N SER C 14 25.29 9.27 -18.53
CA SER C 14 26.50 10.09 -18.33
C SER C 14 26.16 11.49 -17.80
N PRO C 15 27.11 12.14 -17.08
CA PRO C 15 26.87 13.51 -16.62
C PRO C 15 26.60 14.46 -17.79
N GLY C 16 25.67 15.38 -17.59
CA GLY C 16 25.27 16.30 -18.66
C GLY C 16 24.03 15.85 -19.41
N GLU C 17 23.95 14.55 -19.70
CA GLU C 17 22.86 13.95 -20.47
C GLU C 17 21.47 14.24 -19.90
N ARG C 18 20.47 14.19 -20.78
CA ARG C 18 19.07 14.44 -20.43
C ARG C 18 18.49 13.20 -19.76
N ALA C 19 17.69 13.43 -18.72
CA ALA C 19 17.07 12.34 -17.98
C ALA C 19 15.55 12.47 -17.96
N THR C 20 14.88 11.48 -18.52
CA THR C 20 13.42 11.47 -18.57
C THR C 20 12.87 10.29 -17.78
N LEU C 21 12.10 10.58 -16.74
CA LEU C 21 11.53 9.55 -15.86
C LEU C 21 10.02 9.52 -15.98
N SER C 22 9.47 8.31 -16.12
CA SER C 22 8.02 8.13 -16.29
C SER C 22 7.38 7.42 -15.10
N CYS C 23 6.29 8.00 -14.59
CA CYS C 23 5.46 7.35 -13.56
C CYS C 23 4.02 7.23 -14.05
N ARG C 24 3.64 6.01 -14.46
CA ARG C 24 2.29 5.72 -14.96
C ARG C 24 1.40 5.13 -13.87
N ALA C 25 0.27 5.78 -13.61
CA ALA C 25 -0.64 5.33 -12.55
C ALA C 25 -1.74 4.41 -13.10
N SER C 26 -2.27 3.55 -12.23
CA SER C 26 -3.33 2.62 -12.59
C SER C 26 -4.71 3.30 -12.67
N GLN C 27 -4.79 4.52 -12.12
CA GLN C 27 -5.99 5.34 -12.20
C GLN C 27 -5.65 6.82 -12.35
N SER C 28 -6.68 7.64 -12.56
CA SER C 28 -6.51 9.09 -12.60
C SER C 28 -6.23 9.68 -11.24
N VAL C 29 -5.25 10.57 -11.19
CA VAL C 29 -4.92 11.34 -10.00
C VAL C 29 -5.93 12.49 -9.89
N SER C 30 -6.04 13.08 -8.70
CA SER C 30 -6.88 14.25 -8.48
C SER C 30 -6.38 15.45 -9.29
N SER C 31 -6.44 15.31 -10.62
CA SER C 31 -6.01 16.32 -11.60
C SER C 31 -4.52 16.66 -11.50
N SER C 32 -4.15 17.54 -10.57
CA SER C 32 -2.77 17.97 -10.40
C SER C 32 -2.34 17.71 -8.96
N TYR C 33 -2.34 16.44 -8.57
CA TYR C 33 -2.04 16.05 -7.19
C TYR C 33 -1.00 14.92 -7.09
N LEU C 34 0.09 15.07 -7.86
CA LEU C 34 1.21 14.13 -7.80
C LEU C 34 2.50 14.82 -7.43
N ALA C 35 3.33 14.11 -6.66
CA ALA C 35 4.62 14.63 -6.22
C ALA C 35 5.80 13.79 -6.74
N TRP C 36 6.98 14.41 -6.78
CA TRP C 36 8.24 13.72 -7.05
C TRP C 36 9.21 13.97 -5.89
N TYR C 37 9.90 12.90 -5.48
CA TYR C 37 10.91 12.98 -4.45
C TYR C 37 12.24 12.42 -4.93
N GLN C 38 13.33 13.01 -4.44
CA GLN C 38 14.66 12.47 -4.63
C GLN C 38 15.15 11.90 -3.31
N GLN C 39 15.90 10.80 -3.37
CA GLN C 39 16.48 10.21 -2.17
C GLN C 39 17.82 9.54 -2.41
N LYS C 40 18.88 10.17 -1.88
CA LYS C 40 20.21 9.56 -1.88
C LYS C 40 20.29 8.53 -0.76
N PRO C 41 21.09 7.46 -0.97
CA PRO C 41 21.15 6.34 -0.02
C PRO C 41 21.47 6.78 1.41
N GLY C 42 20.83 6.11 2.37
CA GLY C 42 21.02 6.36 3.81
C GLY C 42 20.52 7.71 4.32
N GLN C 43 19.64 8.35 3.57
CA GLN C 43 19.11 9.66 3.95
C GLN C 43 17.62 9.78 3.69
N ALA C 44 17.02 10.83 4.26
CA ALA C 44 15.62 11.11 4.05
C ALA C 44 15.38 11.62 2.63
N PRO C 45 14.14 11.47 2.12
CA PRO C 45 13.81 12.00 0.80
C PRO C 45 13.73 13.52 0.81
N ARG C 46 13.86 14.11 -0.37
CA ARG C 46 13.72 15.54 -0.55
C ARG C 46 12.66 15.78 -1.62
N LEU C 47 11.68 16.61 -1.29
CA LEU C 47 10.60 16.96 -2.21
C LEU C 47 11.13 17.77 -3.38
N LEU C 48 10.81 17.32 -4.59
CA LEU C 48 11.22 18.01 -5.80
C LEU C 48 10.05 18.78 -6.39
N ILE C 49 9.02 18.02 -6.77
CA ILE C 49 7.85 18.56 -7.46
C ILE C 49 6.59 18.32 -6.62
N TYR C 50 5.72 19.32 -6.57
CA TYR C 50 4.38 19.14 -6.03
C TYR C 50 3.35 19.54 -7.09
N GLY C 51 2.25 18.79 -7.16
CA GLY C 51 1.19 19.06 -8.14
C GLY C 51 1.67 18.86 -9.57
N ALA C 52 2.29 17.71 -9.82
CA ALA C 52 2.72 17.26 -11.15
C ALA C 52 3.80 18.09 -11.85
N SER C 53 3.84 19.40 -11.59
CA SER C 53 4.69 20.31 -12.37
C SER C 53 5.41 21.42 -11.58
N SER C 54 4.80 21.87 -10.48
CA SER C 54 5.37 22.97 -9.67
C SER C 54 6.55 22.53 -8.80
N ARG C 55 7.60 23.36 -8.79
CA ARG C 55 8.82 23.05 -8.03
C ARG C 55 8.73 23.49 -6.57
N ALA C 56 9.26 22.64 -5.69
CA ALA C 56 9.43 22.98 -4.28
C ALA C 56 10.55 24.01 -4.16
N THR C 57 10.41 24.92 -3.18
CA THR C 57 11.36 26.03 -3.04
C THR C 57 12.80 25.55 -2.92
N GLY C 58 13.73 26.34 -3.49
CA GLY C 58 15.15 26.04 -3.45
C GLY C 58 15.56 24.83 -4.28
N ILE C 59 14.77 24.50 -5.30
CA ILE C 59 15.09 23.38 -6.19
C ILE C 59 15.44 23.90 -7.59
N PRO C 60 16.64 23.55 -8.09
CA PRO C 60 17.22 23.98 -9.37
C PRO C 60 16.25 24.02 -10.54
N ASP C 61 16.46 24.97 -11.45
CA ASP C 61 15.62 25.13 -12.64
C ASP C 61 15.58 23.88 -13.53
N ARG C 62 16.67 23.11 -13.53
CA ARG C 62 16.80 21.94 -14.40
C ARG C 62 15.82 20.80 -14.09
N PHE C 63 15.14 20.88 -12.94
CA PHE C 63 14.11 19.90 -12.59
C PHE C 63 12.72 20.38 -12.99
N SER C 64 12.06 19.61 -13.86
CA SER C 64 10.74 19.97 -14.35
C SER C 64 9.80 18.77 -14.39
N GLY C 65 8.60 18.97 -13.85
CA GLY C 65 7.55 17.96 -13.87
C GLY C 65 6.47 18.27 -14.88
N SER C 66 5.86 17.23 -15.44
CA SER C 66 4.84 17.40 -16.48
C SER C 66 3.83 16.27 -16.48
N GLY C 67 2.83 16.40 -17.36
CA GLY C 67 1.79 15.38 -17.55
C GLY C 67 0.78 15.34 -16.43
N SER C 68 -0.33 14.65 -16.66
CA SER C 68 -1.37 14.39 -15.64
C SER C 68 -2.29 13.24 -16.03
N GLY C 69 -3.22 12.89 -15.14
CA GLY C 69 -4.14 11.78 -15.38
C GLY C 69 -3.52 10.42 -15.05
N THR C 70 -2.94 9.78 -16.06
CA THR C 70 -2.24 8.50 -15.88
C THR C 70 -0.82 8.52 -16.45
N ASP C 71 -0.41 9.68 -16.95
CA ASP C 71 0.90 9.84 -17.55
C ASP C 71 1.63 11.00 -16.89
N PHE C 72 2.70 10.69 -16.16
CA PHE C 72 3.52 11.69 -15.48
C PHE C 72 4.99 11.56 -15.82
N THR C 73 5.68 12.69 -15.83
CA THR C 73 7.08 12.74 -16.23
C THR C 73 7.89 13.73 -15.40
N LEU C 74 8.99 13.24 -14.83
CA LEU C 74 10.03 14.09 -14.27
C LEU C 74 11.16 14.19 -15.28
N THR C 75 11.62 15.42 -15.51
CA THR C 75 12.69 15.66 -16.47
C THR C 75 13.84 16.44 -15.85
N ILE C 76 15.03 15.87 -15.98
CA ILE C 76 16.27 16.52 -15.59
C ILE C 76 17.02 16.86 -16.87
N SER C 77 16.98 18.13 -17.24
CA SER C 77 17.58 18.59 -18.51
C SER C 77 19.05 18.22 -18.60
N ARG C 78 19.85 18.71 -17.66
CA ARG C 78 21.27 18.38 -17.58
C ARG C 78 21.57 17.70 -16.25
N LEU C 79 22.19 16.53 -16.31
CA LEU C 79 22.53 15.76 -15.12
C LEU C 79 23.82 16.22 -14.47
N GLU C 80 23.70 16.82 -13.29
CA GLU C 80 24.85 17.21 -12.49
C GLU C 80 25.11 16.13 -11.43
N PRO C 81 26.37 16.04 -10.93
CA PRO C 81 26.73 14.97 -9.99
C PRO C 81 25.72 14.70 -8.87
N GLU C 82 25.16 15.75 -8.28
CA GLU C 82 24.20 15.64 -7.17
C GLU C 82 22.94 14.88 -7.57
N ASP C 83 22.56 15.04 -8.84
CA ASP C 83 21.26 14.56 -9.33
C ASP C 83 21.16 13.04 -9.40
N PHE C 84 22.30 12.36 -9.53
CA PHE C 84 22.31 10.89 -9.54
C PHE C 84 21.87 10.37 -8.19
N ALA C 85 20.71 9.72 -8.20
CA ALA C 85 20.03 9.26 -6.99
C ALA C 85 18.89 8.33 -7.37
N VAL C 86 18.02 8.06 -6.39
CA VAL C 86 16.80 7.33 -6.64
C VAL C 86 15.64 8.30 -6.52
N TYR C 87 14.69 8.22 -7.45
CA TYR C 87 13.55 9.13 -7.51
C TYR C 87 12.22 8.40 -7.37
N TYR C 88 11.30 8.97 -6.58
CA TYR C 88 10.00 8.37 -6.33
C TYR C 88 8.86 9.31 -6.65
N CYS C 89 7.87 8.82 -7.39
CA CYS C 89 6.63 9.56 -7.59
C CYS C 89 5.66 9.20 -6.46
N GLN C 90 4.97 10.21 -5.94
CA GLN C 90 4.00 10.01 -4.87
C GLN C 90 2.71 10.78 -5.12
N GLN C 91 1.66 10.03 -5.47
CA GLN C 91 0.32 10.61 -5.58
C GLN C 91 -0.22 10.93 -4.19
N TYR C 92 -0.89 12.07 -4.07
CA TYR C 92 -1.46 12.50 -2.80
C TYR C 92 -2.86 13.06 -2.98
N GLY C 93 -3.50 12.71 -4.10
CA GLY C 93 -4.87 13.14 -4.36
C GLY C 93 -5.90 12.06 -4.08
N SER C 94 -5.43 10.96 -3.48
CA SER C 94 -6.29 9.81 -3.21
C SER C 94 -5.75 8.99 -2.03
N SER C 95 -6.62 8.76 -1.05
CA SER C 95 -6.30 7.92 0.11
C SER C 95 -6.64 6.46 -0.18
N PRO C 96 -5.73 5.52 0.14
CA PRO C 96 -4.44 5.70 0.80
C PRO C 96 -3.38 6.29 -0.11
N LEU C 97 -2.56 7.16 0.47
CA LEU C 97 -1.53 7.90 -0.24
C LEU C 97 -0.36 6.97 -0.60
N THR C 98 -0.02 6.86 -1.88
CA THR C 98 0.95 5.83 -2.31
C THR C 98 2.23 6.32 -3.02
N PHE C 99 3.21 5.43 -3.11
CA PHE C 99 4.51 5.69 -3.74
C PHE C 99 4.74 4.82 -4.97
N GLY C 100 5.61 5.30 -5.86
CA GLY C 100 6.12 4.47 -6.94
C GLY C 100 7.25 3.60 -6.41
N GLN C 101 7.67 2.62 -7.20
CA GLN C 101 8.78 1.75 -6.80
C GLN C 101 10.13 2.49 -6.82
N GLY C 102 10.20 3.57 -7.58
CA GLY C 102 11.40 4.40 -7.67
C GLY C 102 12.28 4.09 -8.87
N THR C 103 12.93 5.12 -9.40
CA THR C 103 13.86 4.97 -10.52
C THR C 103 15.29 5.32 -10.09
N LYS C 104 16.22 4.38 -10.29
CA LYS C 104 17.61 4.57 -9.91
C LYS C 104 18.37 5.19 -11.07
N VAL C 105 18.62 6.49 -10.98
CA VAL C 105 19.46 7.17 -11.96
C VAL C 105 20.94 6.89 -11.67
N GLU C 106 21.47 5.89 -12.38
CA GLU C 106 22.84 5.42 -12.21
C GLU C 106 23.77 6.16 -13.17
N ILE C 107 25.08 6.15 -12.91
CA ILE C 107 26.03 6.83 -13.78
C ILE C 107 26.58 5.90 -14.85
N LYS C 108 26.42 6.29 -16.12
CA LYS C 108 26.99 5.56 -17.26
C LYS C 108 28.51 5.74 -17.32
N ARG C 109 29.19 4.65 -17.68
CA ARG C 109 30.63 4.54 -17.58
C ARG C 109 31.08 3.43 -18.50
N THR C 110 32.25 3.57 -19.11
CA THR C 110 32.76 2.49 -19.96
C THR C 110 33.03 1.24 -19.12
N VAL C 111 32.71 0.09 -19.70
CA VAL C 111 32.81 -1.22 -19.04
C VAL C 111 34.17 -1.41 -18.37
N ALA C 112 34.14 -1.87 -17.11
CA ALA C 112 35.36 -2.15 -16.36
C ALA C 112 35.32 -3.54 -15.72
N ALA C 113 36.36 -4.32 -15.95
CA ALA C 113 36.48 -5.66 -15.36
C ALA C 113 36.80 -5.55 -13.88
N PRO C 114 36.28 -6.49 -13.05
CA PRO C 114 36.57 -6.45 -11.62
C PRO C 114 37.97 -6.97 -11.30
N SER C 115 38.52 -6.53 -10.16
CA SER C 115 39.67 -7.19 -9.56
C SER C 115 39.15 -8.23 -8.58
N VAL C 116 39.62 -9.46 -8.73
CA VAL C 116 39.10 -10.57 -7.91
C VAL C 116 40.15 -11.08 -6.94
N PHE C 117 39.78 -11.16 -5.66
CA PHE C 117 40.64 -11.69 -4.63
C PHE C 117 39.88 -12.67 -3.74
N ILE C 118 40.57 -13.68 -3.24
CA ILE C 118 39.95 -14.68 -2.36
C ILE C 118 40.60 -14.71 -0.98
N PHE C 119 39.76 -14.78 0.06
CA PHE C 119 40.25 -14.86 1.44
C PHE C 119 39.82 -16.16 2.09
N PRO C 120 40.80 -17.01 2.44
CA PRO C 120 40.53 -18.23 3.18
C PRO C 120 40.07 -17.87 4.59
N PRO C 121 39.34 -18.76 5.27
CA PRO C 121 38.92 -18.40 6.61
C PRO C 121 40.08 -18.35 7.60
N SER C 122 39.89 -17.61 8.68
CA SER C 122 40.85 -17.55 9.78
C SER C 122 40.74 -18.81 10.64
N ASP C 123 41.88 -19.28 11.14
CA ASP C 123 41.92 -20.44 12.03
C ASP C 123 41.13 -20.20 13.30
N GLU C 124 41.18 -18.97 13.80
CA GLU C 124 40.39 -18.56 14.96
C GLU C 124 38.92 -18.87 14.77
N GLN C 125 38.41 -18.56 13.58
CA GLN C 125 37.02 -18.84 13.23
C GLN C 125 36.82 -20.34 13.01
N LEU C 126 37.77 -20.96 12.32
CA LEU C 126 37.67 -22.36 11.92
C LEU C 126 37.49 -23.29 13.13
N LYS C 127 38.41 -23.23 14.09
CA LYS C 127 38.39 -24.14 15.24
C LYS C 127 37.07 -24.06 16.00
N SER C 128 36.52 -22.86 16.12
CA SER C 128 35.24 -22.68 16.81
C SER C 128 34.06 -23.27 16.04
N GLY C 129 34.32 -23.78 14.82
CA GLY C 129 33.36 -24.65 14.13
C GLY C 129 32.84 -24.25 12.76
N THR C 130 33.16 -23.02 12.34
CA THR C 130 32.63 -22.50 11.08
C THR C 130 33.73 -21.89 10.23
N ALA C 131 33.65 -22.11 8.92
CA ALA C 131 34.59 -21.53 8.00
C ALA C 131 33.88 -20.67 6.95
N SER C 132 34.10 -19.36 7.01
CA SER C 132 33.59 -18.43 6.00
C SER C 132 34.69 -18.12 5.00
N VAL C 133 34.41 -18.38 3.73
CA VAL C 133 35.38 -18.10 2.68
C VAL C 133 34.86 -16.92 1.84
N VAL C 134 35.69 -15.89 1.69
CA VAL C 134 35.23 -14.63 1.09
C VAL C 134 35.92 -14.33 -0.25
N CYS C 135 35.10 -14.00 -1.25
CA CYS C 135 35.60 -13.63 -2.57
C CYS C 135 35.18 -12.20 -2.89
N LEU C 136 36.15 -11.35 -3.16
CA LEU C 136 35.90 -9.94 -3.39
C LEU C 136 36.07 -9.54 -4.85
N LEU C 137 35.01 -8.97 -5.42
CA LEU C 137 35.04 -8.38 -6.75
C LEU C 137 35.13 -6.88 -6.55
N ASN C 138 36.20 -6.28 -7.06
CA ASN C 138 36.54 -4.92 -6.71
C ASN C 138 36.50 -3.95 -7.90
N ASN C 139 35.83 -2.82 -7.72
CA ASN C 139 35.82 -1.72 -8.70
C ASN C 139 35.47 -2.12 -10.12
N PHE C 140 34.21 -2.49 -10.35
CA PHE C 140 33.76 -2.96 -11.65
C PHE C 140 32.53 -2.23 -12.17
N TYR C 141 32.31 -2.33 -13.48
CA TYR C 141 31.13 -1.78 -14.12
C TYR C 141 30.82 -2.59 -15.38
N PRO C 142 29.53 -2.89 -15.64
CA PRO C 142 28.35 -2.50 -14.88
C PRO C 142 28.10 -3.39 -13.65
N ARG C 143 26.97 -3.16 -12.98
CA ARG C 143 26.64 -3.81 -11.72
C ARG C 143 26.51 -5.34 -11.83
N GLU C 144 26.02 -5.82 -12.97
CA GLU C 144 25.70 -7.24 -13.14
C GLU C 144 26.93 -8.14 -13.17
N ALA C 145 27.00 -9.06 -12.21
CA ALA C 145 28.08 -10.03 -12.17
C ALA C 145 27.56 -11.37 -11.66
N LYS C 146 28.25 -12.44 -12.05
CA LYS C 146 27.93 -13.78 -11.54
C LYS C 146 29.10 -14.32 -10.71
N VAL C 147 28.78 -14.85 -9.53
CA VAL C 147 29.77 -15.48 -8.68
C VAL C 147 29.47 -16.96 -8.48
N GLN C 148 30.46 -17.81 -8.74
CA GLN C 148 30.30 -19.26 -8.63
C GLN C 148 31.35 -19.85 -7.71
N TRP C 149 30.90 -20.53 -6.66
CA TRP C 149 31.80 -21.15 -5.70
C TRP C 149 32.04 -22.63 -6.03
N LYS C 150 33.31 -22.98 -6.23
CA LYS C 150 33.68 -24.37 -6.56
C LYS C 150 34.56 -25.02 -5.47
N VAL C 151 34.03 -26.05 -4.84
CA VAL C 151 34.75 -26.82 -3.82
C VAL C 151 35.10 -28.19 -4.39
N ASP C 152 36.35 -28.34 -4.84
CA ASP C 152 36.79 -29.55 -5.58
C ASP C 152 35.86 -29.81 -6.75
N ASN C 153 35.80 -28.85 -7.68
CA ASN C 153 34.90 -28.90 -8.85
C ASN C 153 33.41 -28.73 -8.51
N ALA C 154 32.96 -29.45 -7.49
CA ALA C 154 31.55 -29.46 -7.08
C ALA C 154 30.96 -28.06 -6.89
N LEU C 155 30.11 -27.66 -7.84
CA LEU C 155 29.42 -26.38 -7.80
C LEU C 155 28.54 -26.30 -6.56
N GLN C 156 28.77 -25.27 -5.74
CA GLN C 156 28.03 -25.07 -4.50
C GLN C 156 26.73 -24.33 -4.75
N SER C 157 25.74 -24.55 -3.88
CA SER C 157 24.41 -23.99 -4.08
C SER C 157 23.71 -23.67 -2.75
N GLY C 158 23.31 -22.42 -2.60
CA GLY C 158 22.47 -22.01 -1.47
C GLY C 158 23.13 -21.98 -0.11
N ASN C 159 24.46 -22.03 -0.07
CA ASN C 159 25.22 -21.87 1.16
C ASN C 159 26.16 -20.67 1.09
N SER C 160 25.81 -19.71 0.23
CA SER C 160 26.62 -18.52 0.02
C SER C 160 25.76 -17.30 -0.26
N GLN C 161 25.95 -16.27 0.57
CA GLN C 161 25.29 -14.98 0.39
C GLN C 161 26.27 -13.95 -0.16
N GLU C 162 25.78 -13.02 -0.98
CA GLU C 162 26.61 -11.94 -1.50
C GLU C 162 26.01 -10.56 -1.22
N SER C 163 26.82 -9.53 -1.40
CA SER C 163 26.44 -8.17 -1.09
C SER C 163 27.18 -7.20 -2.00
N VAL C 164 26.45 -6.21 -2.51
CA VAL C 164 26.99 -5.23 -3.46
C VAL C 164 27.00 -3.84 -2.84
N THR C 165 28.10 -3.11 -3.04
CA THR C 165 28.19 -1.72 -2.59
C THR C 165 27.27 -0.83 -3.40
N GLU C 166 27.12 0.41 -2.95
CA GLU C 166 26.49 1.46 -3.75
C GLU C 166 27.50 1.86 -4.81
N GLN C 167 27.02 2.48 -5.90
CA GLN C 167 27.94 2.94 -6.94
C GLN C 167 28.88 3.98 -6.33
N ASP C 168 30.17 3.73 -6.47
CA ASP C 168 31.19 4.67 -6.03
C ASP C 168 31.01 5.93 -6.87
N SER C 169 30.74 7.06 -6.21
CA SER C 169 30.53 8.32 -6.94
C SER C 169 31.86 8.97 -7.36
N LYS C 170 32.97 8.38 -6.93
CA LYS C 170 34.29 8.75 -7.42
C LYS C 170 34.40 8.26 -8.86
N ASP C 171 34.56 6.95 -9.03
CA ASP C 171 34.88 6.35 -10.32
C ASP C 171 33.69 5.68 -11.04
N SER C 172 32.50 5.86 -10.49
CA SER C 172 31.25 5.27 -11.04
C SER C 172 31.25 3.74 -11.11
N THR C 173 31.98 3.08 -10.22
CA THR C 173 32.03 1.61 -10.22
C THR C 173 31.34 0.96 -9.02
N TYR C 174 31.12 -0.34 -9.12
CA TYR C 174 30.54 -1.14 -8.05
C TYR C 174 31.55 -2.14 -7.53
N SER C 175 31.35 -2.59 -6.29
CA SER C 175 32.15 -3.65 -5.71
C SER C 175 31.27 -4.64 -4.96
N LEU C 176 31.62 -5.93 -5.06
CA LEU C 176 30.77 -7.01 -4.58
C LEU C 176 31.62 -8.00 -3.79
N SER C 177 31.08 -8.50 -2.68
CA SER C 177 31.73 -9.56 -1.90
C SER C 177 30.80 -10.73 -1.68
N SER C 178 31.31 -11.94 -1.94
CA SER C 178 30.56 -13.16 -1.76
C SER C 178 31.15 -13.98 -0.61
N THR C 179 30.27 -14.49 0.26
CA THR C 179 30.70 -15.29 1.40
C THR C 179 30.15 -16.70 1.34
N LEU C 180 31.05 -17.67 1.16
CA LEU C 180 30.70 -19.10 1.20
C LEU C 180 30.87 -19.60 2.62
N THR C 181 29.81 -20.17 3.18
CA THR C 181 29.83 -20.60 4.57
C THR C 181 29.54 -22.09 4.69
N LEU C 182 30.50 -22.81 5.28
CA LEU C 182 30.27 -24.22 5.65
C LEU C 182 31.00 -24.61 6.93
N SER C 183 30.64 -25.77 7.48
CA SER C 183 31.12 -26.20 8.79
C SER C 183 32.57 -26.64 8.76
N LYS C 184 33.21 -26.58 9.94
CA LYS C 184 34.59 -27.02 10.16
C LYS C 184 34.81 -28.40 9.57
N ALA C 185 33.86 -29.31 9.83
CA ALA C 185 33.85 -30.64 9.24
C ALA C 185 33.99 -30.59 7.72
N ASP C 186 33.05 -29.92 7.06
CA ASP C 186 33.05 -29.77 5.60
C ASP C 186 34.33 -29.14 5.06
N TYR C 187 34.83 -28.12 5.76
CA TYR C 187 35.97 -27.36 5.29
C TYR C 187 37.27 -28.19 5.27
N GLU C 188 37.45 -29.01 6.30
CA GLU C 188 38.69 -29.76 6.45
C GLU C 188 38.68 -31.03 5.59
N LYS C 189 37.51 -31.36 5.05
CA LYS C 189 37.32 -32.55 4.22
C LYS C 189 37.68 -32.33 2.74
N HIS C 190 37.95 -31.08 2.37
CA HIS C 190 38.15 -30.73 0.96
C HIS C 190 39.35 -29.82 0.75
N LYS C 191 39.99 -29.94 -0.42
CA LYS C 191 41.31 -29.35 -0.65
C LYS C 191 41.29 -28.05 -1.44
N VAL C 192 40.60 -28.04 -2.59
CA VAL C 192 40.59 -26.86 -3.44
C VAL C 192 39.34 -26.00 -3.22
N TYR C 193 39.57 -24.71 -2.99
CA TYR C 193 38.48 -23.74 -2.86
C TYR C 193 38.64 -22.64 -3.89
N ALA C 194 37.58 -22.45 -4.68
CA ALA C 194 37.65 -21.57 -5.84
C ALA C 194 36.40 -20.74 -6.02
N CYS C 195 36.61 -19.49 -6.38
CA CYS C 195 35.54 -18.55 -6.67
C CYS C 195 35.65 -18.15 -8.15
N GLU C 196 34.59 -18.41 -8.91
CA GLU C 196 34.58 -18.13 -10.34
C GLU C 196 33.73 -16.91 -10.64
N VAL C 197 34.27 -16.03 -11.49
CA VAL C 197 33.62 -14.75 -11.80
C VAL C 197 33.34 -14.58 -13.30
N THR C 198 32.06 -14.48 -13.64
CA THR C 198 31.66 -14.08 -14.98
C THR C 198 31.17 -12.64 -14.92
N HIS C 199 31.77 -11.78 -15.72
CA HIS C 199 31.37 -10.38 -15.82
C HIS C 199 31.72 -9.86 -17.20
N GLN C 200 30.81 -9.07 -17.77
CA GLN C 200 30.88 -8.70 -19.19
C GLN C 200 32.17 -7.97 -19.63
N GLY C 201 32.97 -7.52 -18.66
CA GLY C 201 34.27 -6.93 -18.95
C GLY C 201 35.40 -7.94 -19.01
N LEU C 202 35.05 -9.23 -18.92
CA LEU C 202 36.03 -10.31 -18.98
C LEU C 202 35.81 -11.20 -20.20
N SER C 203 36.90 -11.54 -20.89
CA SER C 203 36.86 -12.39 -22.09
C SER C 203 36.17 -13.72 -21.81
N SER C 204 36.63 -14.39 -20.76
CA SER C 204 36.01 -15.64 -20.28
C SER C 204 35.91 -15.60 -18.74
N PRO C 205 35.14 -16.53 -18.14
CA PRO C 205 35.08 -16.54 -16.67
C PRO C 205 36.43 -16.78 -16.00
N VAL C 206 36.77 -15.90 -15.06
CA VAL C 206 38.00 -15.97 -14.27
C VAL C 206 37.78 -16.78 -13.00
N THR C 207 38.81 -17.51 -12.57
CA THR C 207 38.76 -18.29 -11.34
C THR C 207 39.86 -17.86 -10.38
N LYS C 208 39.49 -17.66 -9.10
CA LYS C 208 40.45 -17.40 -8.04
C LYS C 208 40.37 -18.50 -7.00
N SER C 209 41.51 -19.10 -6.69
CA SER C 209 41.53 -20.29 -5.84
C SER C 209 42.72 -20.34 -4.89
N PHE C 210 42.56 -21.10 -3.82
CA PHE C 210 43.65 -21.42 -2.90
C PHE C 210 43.52 -22.87 -2.48
N ASN C 211 44.57 -23.40 -1.86
CA ASN C 211 44.55 -24.75 -1.31
C ASN C 211 44.51 -24.76 0.21
N ARG C 212 43.62 -25.57 0.76
CA ARG C 212 43.49 -25.71 2.21
C ARG C 212 44.65 -26.54 2.74
N GLY C 213 45.86 -25.98 2.64
CA GLY C 213 47.08 -26.63 3.07
C GLY C 213 48.11 -25.58 3.46
N GLU C 214 49.25 -25.59 2.76
CA GLU C 214 50.33 -24.62 3.00
C GLU C 214 50.43 -23.60 1.87
N VAL D 2 13.60 24.99 11.00
CA VAL D 2 12.90 23.90 11.69
C VAL D 2 13.81 22.68 11.80
N GLN D 3 13.81 22.07 12.98
CA GLN D 3 14.57 20.85 13.21
C GLN D 3 13.65 19.76 13.73
N LEU D 4 13.61 18.64 13.01
CA LEU D 4 12.87 17.48 13.47
C LEU D 4 13.83 16.44 14.06
N VAL D 5 13.59 16.06 15.32
CA VAL D 5 14.40 15.06 16.00
C VAL D 5 13.52 13.90 16.44
N GLN D 6 13.81 12.73 15.90
CA GLN D 6 13.03 11.52 16.20
C GLN D 6 13.63 10.75 17.37
N SER D 7 12.81 9.92 18.00
CA SER D 7 13.25 9.07 19.09
C SER D 7 14.22 8.01 18.59
N GLY D 8 14.99 7.46 19.52
CA GLY D 8 16.07 6.52 19.20
C GLY D 8 15.60 5.19 18.67
N ALA D 9 16.49 4.54 17.93
CA ALA D 9 16.25 3.23 17.33
C ALA D 9 15.92 2.22 18.41
N GLU D 10 15.07 1.26 18.08
CA GLU D 10 14.77 0.18 19.02
C GLU D 10 14.52 -1.15 18.34
N VAL D 11 14.70 -2.21 19.11
CA VAL D 11 14.53 -3.57 18.66
C VAL D 11 13.38 -4.23 19.43
N LYS D 12 12.41 -4.77 18.68
CA LYS D 12 11.24 -5.40 19.27
C LYS D 12 11.08 -6.84 18.80
N LYS D 13 10.31 -7.63 19.55
CA LYS D 13 9.96 -8.99 19.16
C LYS D 13 8.64 -8.98 18.40
N PRO D 14 8.44 -9.95 17.47
CA PRO D 14 7.15 -10.09 16.79
C PRO D 14 5.97 -10.13 17.76
N GLY D 15 4.95 -9.32 17.49
CA GLY D 15 3.80 -9.19 18.36
C GLY D 15 3.73 -7.86 19.08
N SER D 16 4.86 -7.40 19.61
CA SER D 16 4.90 -6.21 20.44
C SER D 16 4.60 -4.90 19.70
N SER D 17 4.54 -3.81 20.44
CA SER D 17 4.26 -2.49 19.90
C SER D 17 5.50 -1.60 19.92
N VAL D 18 5.48 -0.58 19.06
CA VAL D 18 6.50 0.46 19.05
C VAL D 18 5.82 1.82 18.85
N LYS D 19 6.29 2.84 19.57
CA LYS D 19 5.75 4.18 19.42
C LYS D 19 6.88 5.16 19.22
N VAL D 20 7.17 5.47 17.96
CA VAL D 20 8.25 6.39 17.60
C VAL D 20 7.76 7.82 17.72
N SER D 21 8.48 8.62 18.52
CA SER D 21 8.16 10.04 18.66
C SER D 21 8.93 10.89 17.64
N CYS D 22 8.43 12.11 17.43
CA CYS D 22 9.04 13.05 16.50
C CYS D 22 8.73 14.48 16.98
N LYS D 23 9.73 15.13 17.57
CA LYS D 23 9.53 16.49 18.11
C LYS D 23 10.21 17.58 17.26
N ALA D 24 9.56 18.75 17.22
CA ALA D 24 9.99 19.88 16.41
C ALA D 24 10.59 20.98 17.28
N SER D 25 11.43 21.82 16.67
CA SER D 25 12.13 22.88 17.41
C SER D 25 11.76 24.29 16.94
N GLY D 26 12.29 24.70 15.79
CA GLY D 26 12.06 26.04 15.26
C GLY D 26 10.76 26.14 14.48
N GLY D 27 9.64 25.93 15.16
CA GLY D 27 8.31 25.91 14.53
C GLY D 27 7.94 27.21 13.84
N THR D 28 7.61 27.10 12.55
CA THR D 28 7.23 28.27 11.75
C THR D 28 5.75 28.63 11.96
N PHE D 29 4.99 28.75 10.88
CA PHE D 29 3.56 29.05 10.94
C PHE D 29 2.76 27.81 11.37
N SER D 30 1.45 27.84 11.15
CA SER D 30 0.59 26.70 11.39
C SER D 30 1.04 25.50 10.53
N SER D 31 1.34 24.39 11.19
CA SER D 31 1.83 23.18 10.51
C SER D 31 0.78 22.62 9.56
N TYR D 32 1.11 22.60 8.28
CA TYR D 32 0.21 22.15 7.22
C TYR D 32 -0.09 20.65 7.32
N ALA D 33 0.87 19.82 6.95
CA ALA D 33 0.68 18.36 6.97
C ALA D 33 1.83 17.58 7.61
N ILE D 34 1.46 16.53 8.34
CA ILE D 34 2.39 15.55 8.87
C ILE D 34 2.27 14.25 8.07
N SER D 35 3.40 13.58 7.87
CA SER D 35 3.40 12.26 7.25
C SER D 35 4.40 11.35 7.96
N TRP D 36 4.18 10.04 7.82
CA TRP D 36 5.15 9.06 8.28
C TRP D 36 5.48 8.10 7.15
N VAL D 37 6.75 8.10 6.75
CA VAL D 37 7.21 7.22 5.67
C VAL D 37 8.17 6.19 6.24
N ARG D 38 8.09 4.97 5.74
CA ARG D 38 9.06 3.97 6.09
C ARG D 38 9.83 3.49 4.87
N GLN D 39 10.97 2.86 5.11
CA GLN D 39 11.77 2.24 4.07
C GLN D 39 12.46 1.00 4.63
N ALA D 40 12.06 -0.17 4.13
CA ALA D 40 12.67 -1.44 4.54
C ALA D 40 14.00 -1.59 3.83
N PRO D 41 14.91 -2.43 4.38
CA PRO D 41 16.23 -2.59 3.77
C PRO D 41 16.15 -2.98 2.29
N GLY D 42 16.74 -2.15 1.44
CA GLY D 42 16.75 -2.37 -0.01
C GLY D 42 15.36 -2.47 -0.60
N GLN D 43 14.51 -1.52 -0.26
CA GLN D 43 13.12 -1.48 -0.73
C GLN D 43 12.76 -0.05 -1.07
N GLY D 44 11.52 0.15 -1.51
CA GLY D 44 11.04 1.50 -1.80
C GLY D 44 10.43 2.16 -0.58
N LEU D 45 10.06 3.43 -0.74
CA LEU D 45 9.35 4.16 0.32
C LEU D 45 7.91 3.66 0.44
N GLU D 46 7.41 3.67 1.67
CA GLU D 46 6.08 3.19 1.96
C GLU D 46 5.43 4.19 2.90
N TRP D 47 4.41 4.89 2.40
CA TRP D 47 3.68 5.85 3.23
C TRP D 47 2.87 5.12 4.27
N MET D 48 2.91 5.63 5.50
CA MET D 48 2.30 4.94 6.61
C MET D 48 1.13 5.69 7.21
N GLY D 49 1.07 7.00 6.96
CA GLY D 49 -0.07 7.80 7.40
C GLY D 49 0.33 8.99 8.23
N GLY D 50 -0.31 10.12 7.96
CA GLY D 50 -0.11 11.31 8.77
C GLY D 50 -1.40 12.08 8.93
N ILE D 51 -1.31 13.23 9.59
CA ILE D 51 -2.43 14.16 9.69
C ILE D 51 -2.36 15.11 8.51
N ILE D 52 -3.34 15.02 7.61
CA ILE D 52 -3.34 15.82 6.38
C ILE D 52 -4.66 16.56 6.21
N PRO D 53 -4.59 17.90 6.08
CA PRO D 53 -5.76 18.74 5.81
C PRO D 53 -6.45 18.39 4.49
N ILE D 54 -7.77 18.56 4.44
CA ILE D 54 -8.62 18.08 3.34
C ILE D 54 -8.40 16.59 3.06
N PHE D 55 -9.03 15.75 3.87
CA PHE D 55 -8.91 14.30 3.75
C PHE D 55 -10.27 13.60 3.76
N GLN D 62 -4.44 2.47 4.51
CA GLN D 62 -5.35 1.60 5.26
C GLN D 62 -5.08 0.12 5.01
N LYS D 63 -4.00 -0.18 4.28
CA LYS D 63 -3.62 -1.56 3.94
C LYS D 63 -3.35 -2.42 5.18
N PHE D 64 -2.52 -1.92 6.08
CA PHE D 64 -2.32 -2.53 7.40
C PHE D 64 -3.03 -1.71 8.49
N GLN D 65 -4.34 -1.61 8.36
CA GLN D 65 -5.20 -0.87 9.30
C GLN D 65 -5.25 -1.54 10.66
N GLY D 66 -5.65 -0.78 11.68
CA GLY D 66 -5.78 -1.28 13.04
C GLY D 66 -4.46 -1.41 13.76
N ARG D 67 -3.36 -1.24 13.02
CA ARG D 67 -2.01 -1.34 13.57
C ARG D 67 -1.39 0.04 13.79
N VAL D 68 -1.44 0.85 12.73
CA VAL D 68 -0.79 2.16 12.70
C VAL D 68 -1.72 3.26 13.21
N THR D 69 -1.23 4.03 14.18
CA THR D 69 -2.00 5.09 14.81
C THR D 69 -1.13 6.34 14.96
N ILE D 70 -1.47 7.38 14.22
CA ILE D 70 -0.70 8.62 14.22
C ILE D 70 -1.40 9.68 15.06
N THR D 71 -0.66 10.27 15.99
CA THR D 71 -1.16 11.36 16.84
C THR D 71 -0.28 12.59 16.71
N ALA D 72 -0.91 13.77 16.76
CA ALA D 72 -0.21 15.05 16.63
C ALA D 72 -0.59 16.02 17.74
N ASP D 73 0.34 16.23 18.67
CA ASP D 73 0.13 17.07 19.85
C ASP D 73 0.64 18.49 19.60
N GLU D 74 -0.28 19.37 19.23
CA GLU D 74 0.05 20.76 18.85
C GLU D 74 0.71 21.52 19.99
N SER D 75 0.23 21.29 21.22
CA SER D 75 0.73 22.00 22.39
C SER D 75 2.22 21.79 22.60
N THR D 76 2.72 20.60 22.28
CA THR D 76 4.13 20.27 22.47
C THR D 76 4.91 20.09 21.17
N SER D 77 4.27 20.36 20.03
CA SER D 77 4.84 20.15 18.70
C SER D 77 5.49 18.76 18.55
N THR D 78 4.71 17.73 18.85
CA THR D 78 5.22 16.36 18.87
C THR D 78 4.25 15.38 18.20
N ALA D 79 4.66 14.82 17.07
CA ALA D 79 3.91 13.78 16.39
C ALA D 79 4.41 12.40 16.79
N TYR D 80 3.50 11.44 16.81
CA TYR D 80 3.83 10.06 17.16
C TYR D 80 3.33 9.09 16.09
N MET D 81 3.94 7.92 16.07
CA MET D 81 3.59 6.88 15.13
C MET D 81 3.65 5.62 15.96
N GLU D 82 2.48 5.09 16.33
CA GLU D 82 2.41 3.85 17.09
C GLU D 82 2.03 2.69 16.17
N LEU D 83 2.91 1.70 16.10
CA LEU D 83 2.69 0.52 15.28
C LEU D 83 2.54 -0.71 16.15
N SER D 84 1.36 -1.33 16.10
CA SER D 84 1.05 -2.49 16.94
C SER D 84 1.04 -3.81 16.15
N SER D 85 1.11 -4.92 16.87
CA SER D 85 1.17 -6.27 16.30
C SER D 85 2.26 -6.42 15.25
N LEU D 86 3.48 -6.07 15.64
CA LEU D 86 4.63 -6.03 14.74
C LEU D 86 5.00 -7.39 14.16
N ARG D 87 5.52 -7.37 12.95
CA ARG D 87 6.04 -8.55 12.29
C ARG D 87 7.42 -8.29 11.70
N SER D 88 8.17 -9.35 11.41
CA SER D 88 9.51 -9.24 10.87
C SER D 88 9.57 -8.31 9.67
N GLU D 89 8.52 -8.33 8.86
CA GLU D 89 8.42 -7.51 7.65
C GLU D 89 8.39 -6.00 7.94
N ASP D 90 8.12 -5.64 9.19
CA ASP D 90 8.08 -4.24 9.62
C ASP D 90 9.46 -3.64 9.89
N THR D 91 10.49 -4.47 9.82
CA THR D 91 11.87 -4.00 9.99
C THR D 91 12.18 -2.94 8.93
N ALA D 92 12.31 -1.70 9.39
CA ALA D 92 12.51 -0.55 8.49
C ALA D 92 13.03 0.69 9.22
N VAL D 93 13.51 1.65 8.44
CA VAL D 93 13.76 3.00 8.93
C VAL D 93 12.46 3.78 8.80
N TYR D 94 12.16 4.59 9.83
CA TYR D 94 10.91 5.32 9.88
C TYR D 94 11.15 6.82 10.01
N TYR D 95 10.61 7.58 9.07
CA TYR D 95 10.76 9.03 9.09
C TYR D 95 9.42 9.72 9.35
N CYS D 96 9.44 10.73 10.20
CA CYS D 96 8.36 11.71 10.20
C CYS D 96 8.76 12.81 9.22
N ALA D 97 7.76 13.28 8.48
CA ALA D 97 7.94 14.43 7.61
C ALA D 97 6.91 15.46 7.99
N ARG D 98 7.33 16.72 8.04
CA ARG D 98 6.43 17.82 8.35
C ARG D 98 6.45 18.82 7.20
N TYR D 99 5.35 18.91 6.48
CA TYR D 99 5.21 19.85 5.37
C TYR D 99 4.62 21.16 5.86
N ASP D 100 5.11 22.28 5.32
CA ASP D 100 4.70 23.62 5.81
C ASP D 100 4.35 24.64 4.71
N GLY D 101 3.36 25.49 5.01
CA GLY D 101 3.04 26.67 4.19
C GLY D 101 2.14 26.50 2.98
N ILE D 102 0.91 27.02 3.10
CA ILE D 102 -0.06 27.12 1.98
C ILE D 102 -0.22 25.85 1.14
N TYR D 103 0.67 25.64 0.18
CA TYR D 103 0.66 24.44 -0.67
C TYR D 103 1.42 23.29 -0.02
N GLY D 104 2.05 23.58 1.13
CA GLY D 104 2.87 22.60 1.85
C GLY D 104 4.16 22.27 1.12
N GLU D 105 4.69 23.26 0.40
CA GLU D 105 5.86 23.05 -0.45
C GLU D 105 7.17 22.96 0.35
N LEU D 106 7.16 23.45 1.58
CA LEU D 106 8.32 23.37 2.47
C LEU D 106 8.43 21.98 3.11
N ASP D 107 9.63 21.42 3.00
CA ASP D 107 9.87 20.01 3.22
C ASP D 107 10.85 19.77 4.39
N PHE D 108 10.33 19.23 5.49
CA PHE D 108 11.17 19.00 6.69
C PHE D 108 11.06 17.57 7.20
N TRP D 109 12.21 16.94 7.40
CA TRP D 109 12.27 15.52 7.76
C TRP D 109 13.01 15.26 9.06
N GLY D 110 12.68 14.15 9.70
CA GLY D 110 13.45 13.69 10.85
C GLY D 110 14.71 12.95 10.41
N GLN D 111 15.57 12.64 11.37
CA GLN D 111 16.83 11.93 11.08
C GLN D 111 16.59 10.45 10.79
N GLY D 112 15.41 9.95 11.18
CA GLY D 112 15.05 8.55 10.96
C GLY D 112 15.12 7.70 12.22
N THR D 113 14.26 6.70 12.29
CA THR D 113 14.31 5.74 13.39
C THR D 113 14.32 4.33 12.84
N LEU D 114 15.36 3.58 13.19
CA LEU D 114 15.44 2.17 12.82
C LEU D 114 14.62 1.36 13.81
N VAL D 115 13.79 0.46 13.27
CA VAL D 115 13.05 -0.48 14.07
C VAL D 115 13.32 -1.87 13.54
N THR D 116 13.94 -2.70 14.38
CA THR D 116 14.26 -4.08 14.01
C THR D 116 13.31 -5.02 14.72
N VAL D 117 12.52 -5.76 13.94
CA VAL D 117 11.61 -6.76 14.49
C VAL D 117 12.16 -8.14 14.17
N SER D 118 12.54 -8.88 15.21
CA SER D 118 13.12 -10.20 15.06
C SER D 118 12.95 -11.04 16.30
N SER D 119 13.01 -12.36 16.11
CA SER D 119 13.03 -13.33 17.19
C SER D 119 14.37 -13.28 17.90
N ALA D 120 15.43 -12.97 17.15
CA ALA D 120 16.80 -12.92 17.66
C ALA D 120 17.00 -11.82 18.70
N SER D 121 17.98 -12.01 19.58
CA SER D 121 18.30 -11.00 20.60
C SER D 121 19.63 -10.32 20.36
N THR D 122 19.76 -9.10 20.88
CA THR D 122 20.95 -8.27 20.74
C THR D 122 22.22 -9.06 21.06
N LYS D 123 23.19 -8.98 20.15
CA LYS D 123 24.43 -9.74 20.26
C LYS D 123 25.60 -8.96 19.65
N GLY D 124 26.69 -8.85 20.41
CA GLY D 124 27.91 -8.23 19.91
C GLY D 124 28.50 -9.02 18.77
N PRO D 125 29.38 -8.39 17.96
CA PRO D 125 29.94 -9.06 16.80
C PRO D 125 31.21 -9.87 17.06
N SER D 126 31.42 -10.90 16.24
CA SER D 126 32.72 -11.58 16.15
C SER D 126 33.46 -10.99 14.96
N VAL D 127 34.70 -10.58 15.17
CA VAL D 127 35.46 -9.95 14.12
C VAL D 127 36.64 -10.82 13.73
N PHE D 128 36.67 -11.23 12.47
CA PHE D 128 37.74 -12.07 11.95
C PHE D 128 38.54 -11.37 10.87
N PRO D 129 39.85 -11.63 10.81
CA PRO D 129 40.64 -10.96 9.79
C PRO D 129 40.46 -11.59 8.41
N LEU D 130 40.50 -10.75 7.38
CA LEU D 130 40.66 -11.22 6.02
C LEU D 130 42.09 -10.85 5.63
N ALA D 131 43.00 -11.79 5.88
CA ALA D 131 44.44 -11.55 5.75
C ALA D 131 44.88 -11.37 4.31
N PRO D 132 45.81 -10.43 4.06
CA PRO D 132 46.35 -10.26 2.72
C PRO D 132 47.36 -11.37 2.36
N SER D 133 47.26 -11.87 1.14
CA SER D 133 48.17 -12.89 0.62
C SER D 133 48.46 -12.63 -0.86
N SER D 134 49.19 -13.54 -1.48
CA SER D 134 49.42 -13.50 -2.92
C SER D 134 48.11 -13.78 -3.68
N LYS D 135 47.27 -14.63 -3.08
CA LYS D 135 45.93 -14.91 -3.61
C LYS D 135 44.98 -13.73 -3.34
N SER D 136 45.57 -12.56 -3.14
CA SER D 136 44.85 -11.34 -2.76
C SER D 136 45.58 -10.08 -3.27
N THR D 137 46.61 -10.29 -4.10
CA THR D 137 47.42 -9.20 -4.66
C THR D 137 47.04 -8.95 -6.11
N SER D 138 46.91 -7.68 -6.46
CA SER D 138 46.65 -7.27 -7.83
C SER D 138 47.98 -7.02 -8.56
N GLY D 139 48.61 -5.88 -8.24
CA GLY D 139 49.90 -5.55 -8.83
C GLY D 139 50.52 -4.47 -7.99
N GLY D 140 51.26 -4.87 -6.96
CA GLY D 140 51.81 -3.93 -5.98
C GLY D 140 50.71 -3.36 -5.10
N THR D 141 49.55 -4.01 -5.11
CA THR D 141 48.41 -3.63 -4.30
C THR D 141 47.79 -4.89 -3.71
N ALA D 142 47.76 -4.96 -2.38
CA ALA D 142 47.12 -6.08 -1.70
C ALA D 142 45.84 -5.63 -1.01
N ALA D 143 44.79 -6.43 -1.16
CA ALA D 143 43.53 -6.18 -0.51
C ALA D 143 43.47 -6.96 0.79
N LEU D 144 43.05 -6.29 1.85
CA LEU D 144 42.81 -6.95 3.13
C LEU D 144 41.52 -6.41 3.74
N GLY D 145 41.04 -7.06 4.79
CA GLY D 145 39.82 -6.62 5.45
C GLY D 145 39.45 -7.32 6.73
N CYS D 146 38.24 -7.06 7.20
CA CYS D 146 37.68 -7.70 8.38
C CYS D 146 36.34 -8.31 8.05
N LEU D 147 36.08 -9.49 8.61
CA LEU D 147 34.76 -10.08 8.53
C LEU D 147 34.06 -9.88 9.87
N VAL D 148 32.99 -9.08 9.87
CA VAL D 148 32.18 -8.79 11.05
C VAL D 148 31.00 -9.75 11.09
N LYS D 149 31.19 -10.89 11.75
CA LYS D 149 30.22 -11.98 11.69
C LYS D 149 29.37 -12.14 12.95
N ASP D 150 28.09 -12.44 12.74
CA ASP D 150 27.13 -12.82 13.77
C ASP D 150 26.87 -11.75 14.83
N TYR D 151 26.06 -10.77 14.46
CA TYR D 151 25.65 -9.71 15.40
C TYR D 151 24.20 -9.31 15.18
N PHE D 152 23.66 -8.55 16.12
CA PHE D 152 22.28 -8.08 16.07
C PHE D 152 22.10 -6.97 17.09
N PRO D 153 21.32 -5.92 16.75
CA PRO D 153 20.81 -5.64 15.42
C PRO D 153 21.76 -4.73 14.66
N GLU D 154 21.27 -4.14 13.58
CA GLU D 154 22.04 -3.12 12.88
C GLU D 154 22.08 -1.85 13.75
N PRO D 155 23.07 -0.95 13.51
CA PRO D 155 24.20 -1.09 12.61
C PRO D 155 25.55 -1.28 13.30
N VAL D 156 26.52 -1.81 12.56
CA VAL D 156 27.92 -1.62 12.95
C VAL D 156 28.49 -0.52 12.07
N THR D 157 29.57 0.11 12.54
CA THR D 157 30.35 0.99 11.68
C THR D 157 31.81 0.54 11.74
N VAL D 158 32.45 0.47 10.57
CA VAL D 158 33.85 0.10 10.50
C VAL D 158 34.69 1.32 10.12
N SER D 159 35.85 1.45 10.74
CA SER D 159 36.85 2.42 10.33
C SER D 159 38.20 1.73 10.34
N TRP D 160 39.16 2.27 9.60
CA TRP D 160 40.49 1.65 9.55
C TRP D 160 41.55 2.57 10.11
N ASN D 161 42.43 1.99 10.92
CA ASN D 161 43.45 2.74 11.65
C ASN D 161 42.86 4.04 12.21
N SER D 162 41.73 3.86 12.89
CA SER D 162 41.01 4.92 13.61
C SER D 162 40.71 6.17 12.78
N GLY D 163 40.27 5.95 11.55
CA GLY D 163 39.88 7.04 10.66
C GLY D 163 41.04 7.66 9.91
N ALA D 164 42.25 7.18 10.17
CA ALA D 164 43.44 7.69 9.49
C ALA D 164 43.74 6.90 8.22
N LEU D 165 42.86 5.95 7.91
CA LEU D 165 42.92 5.20 6.66
C LEU D 165 41.52 5.16 6.07
N THR D 166 41.29 6.01 5.09
CA THR D 166 39.97 6.15 4.49
C THR D 166 40.00 5.87 2.99
N SER D 167 41.10 6.23 2.36
CA SER D 167 41.29 6.03 0.92
C SER D 167 41.52 4.55 0.58
N GLY D 168 40.55 3.95 -0.09
CA GLY D 168 40.66 2.57 -0.57
C GLY D 168 39.78 1.59 0.16
N VAL D 169 38.86 2.11 0.96
CA VAL D 169 38.03 1.30 1.86
C VAL D 169 36.66 1.00 1.25
N HIS D 170 36.24 -0.26 1.34
CA HIS D 170 34.89 -0.66 0.98
C HIS D 170 34.25 -1.43 2.13
N THR D 171 33.22 -0.84 2.74
CA THR D 171 32.41 -1.54 3.73
C THR D 171 31.07 -1.93 3.11
N PHE D 172 30.90 -3.22 2.85
CA PHE D 172 29.70 -3.74 2.19
C PHE D 172 28.48 -3.65 3.09
N PRO D 173 27.27 -3.58 2.47
CA PRO D 173 26.05 -3.70 3.26
C PRO D 173 25.97 -5.09 3.91
N ALA D 174 25.48 -5.12 5.15
CA ALA D 174 25.34 -6.38 5.87
C ALA D 174 24.38 -7.32 5.18
N VAL D 175 24.42 -8.58 5.58
CA VAL D 175 23.51 -9.59 5.05
C VAL D 175 22.90 -10.35 6.22
N LEU D 176 21.59 -10.49 6.21
CA LEU D 176 20.89 -11.18 7.30
C LEU D 176 20.96 -12.68 7.07
N GLN D 177 21.72 -13.36 7.92
CA GLN D 177 21.92 -14.79 7.83
C GLN D 177 20.66 -15.52 8.26
N SER D 178 20.50 -16.75 7.75
CA SER D 178 19.36 -17.59 8.10
C SER D 178 19.28 -17.87 9.60
N SER D 179 20.35 -17.50 10.32
CA SER D 179 20.38 -17.58 11.77
C SER D 179 19.69 -16.40 12.46
N GLY D 180 19.37 -15.36 11.69
CA GLY D 180 18.73 -14.16 12.23
C GLY D 180 19.72 -13.09 12.63
N LEU D 181 21.01 -13.43 12.58
CA LEU D 181 22.11 -12.52 12.88
C LEU D 181 22.74 -11.96 11.60
N TYR D 182 23.05 -10.66 11.60
CA TYR D 182 23.66 -10.01 10.44
C TYR D 182 25.12 -10.37 10.33
N SER D 183 25.69 -10.16 9.15
CA SER D 183 27.11 -10.40 8.92
C SER D 183 27.64 -9.46 7.84
N LEU D 184 28.83 -8.92 8.05
CA LEU D 184 29.34 -7.83 7.23
C LEU D 184 30.83 -7.99 6.93
N SER D 185 31.27 -7.44 5.81
CA SER D 185 32.70 -7.39 5.53
C SER D 185 33.15 -5.99 5.11
N SER D 186 34.32 -5.61 5.60
CA SER D 186 34.95 -4.35 5.27
C SER D 186 36.30 -4.68 4.69
N VAL D 187 36.64 -4.06 3.57
CA VAL D 187 37.93 -4.30 2.92
C VAL D 187 38.63 -3.01 2.53
N VAL D 188 39.95 -3.07 2.47
CA VAL D 188 40.75 -1.95 2.00
C VAL D 188 41.92 -2.48 1.18
N THR D 189 42.26 -1.77 0.12
CA THR D 189 43.43 -2.09 -0.69
C THR D 189 44.56 -1.17 -0.26
N VAL D 190 45.76 -1.73 -0.17
CA VAL D 190 46.94 -0.97 0.24
C VAL D 190 48.16 -1.38 -0.60
N PRO D 191 49.18 -0.51 -0.65
CA PRO D 191 50.46 -0.89 -1.22
C PRO D 191 50.97 -2.19 -0.60
N SER D 192 51.39 -3.13 -1.45
CA SER D 192 51.93 -4.40 -1.00
C SER D 192 53.22 -4.17 -0.24
N SER D 193 53.97 -3.15 -0.69
CA SER D 193 55.23 -2.77 -0.07
C SER D 193 55.07 -2.54 1.43
N SER D 194 53.90 -2.08 1.83
CA SER D 194 53.66 -1.68 3.22
C SER D 194 53.28 -2.84 4.14
N LEU D 195 52.97 -3.99 3.56
CA LEU D 195 52.42 -5.12 4.32
C LEU D 195 53.19 -5.47 5.60
N GLY D 196 54.49 -5.72 5.46
CA GLY D 196 55.29 -6.15 6.60
C GLY D 196 55.67 -5.05 7.57
N THR D 197 55.41 -3.80 7.19
CA THR D 197 55.91 -2.64 7.94
C THR D 197 54.83 -1.71 8.48
N GLN D 198 53.63 -1.77 7.92
CA GLN D 198 52.52 -0.92 8.35
C GLN D 198 51.41 -1.74 9.01
N THR D 199 51.01 -1.31 10.21
CA THR D 199 49.93 -1.95 10.96
C THR D 199 48.55 -1.56 10.40
N TYR D 200 47.66 -2.54 10.30
CA TYR D 200 46.31 -2.31 9.81
C TYR D 200 45.27 -2.83 10.79
N ILE D 201 44.51 -1.91 11.37
CA ILE D 201 43.49 -2.27 12.35
C ILE D 201 42.13 -1.75 11.93
N CYS D 202 41.17 -2.65 11.83
CA CYS D 202 39.78 -2.27 11.64
C CYS D 202 39.12 -2.10 12.99
N ASN D 203 38.38 -1.01 13.13
CA ASN D 203 37.68 -0.67 14.34
C ASN D 203 36.18 -0.86 14.12
N VAL D 204 35.68 -2.01 14.53
CA VAL D 204 34.26 -2.33 14.43
C VAL D 204 33.54 -1.69 15.60
N ASN D 205 32.51 -0.91 15.30
CA ASN D 205 31.74 -0.24 16.32
C ASN D 205 30.29 -0.69 16.31
N HIS D 206 29.86 -1.34 17.39
CA HIS D 206 28.49 -1.85 17.49
C HIS D 206 27.74 -1.25 18.69
N LYS D 207 27.22 -0.03 18.51
CA LYS D 207 26.53 0.69 19.58
C LYS D 207 25.39 -0.09 20.26
N PRO D 208 24.59 -0.84 19.48
CA PRO D 208 23.49 -1.59 20.11
C PRO D 208 23.93 -2.44 21.30
N SER D 209 25.04 -3.17 21.17
CA SER D 209 25.49 -4.05 22.26
C SER D 209 26.52 -3.40 23.19
N ASN D 210 26.80 -2.11 22.98
CA ASN D 210 27.83 -1.38 23.74
C ASN D 210 29.20 -2.04 23.62
N THR D 211 29.57 -2.37 22.39
CA THR D 211 30.81 -3.07 22.11
C THR D 211 31.54 -2.38 20.98
N LYS D 212 32.79 -2.04 21.22
CA LYS D 212 33.70 -1.65 20.15
C LYS D 212 34.78 -2.73 20.09
N VAL D 213 35.14 -3.15 18.88
CA VAL D 213 36.17 -4.17 18.70
C VAL D 213 37.25 -3.69 17.74
N ASP D 214 38.49 -3.75 18.21
CA ASP D 214 39.66 -3.53 17.36
C ASP D 214 40.21 -4.89 16.97
N LYS D 215 40.50 -5.05 15.68
CA LYS D 215 41.12 -6.27 15.18
C LYS D 215 42.27 -5.94 14.25
N LYS D 216 43.47 -6.40 14.62
CA LYS D 216 44.67 -6.18 13.82
C LYS D 216 44.75 -7.24 12.72
N VAL D 217 44.96 -6.78 11.49
CA VAL D 217 45.00 -7.67 10.33
C VAL D 217 46.41 -7.73 9.78
N GLU D 218 46.94 -8.95 9.63
CA GLU D 218 48.28 -9.18 9.10
C GLU D 218 48.36 -10.49 8.34
N PRO D 219 49.30 -10.59 7.36
CA PRO D 219 49.50 -11.82 6.59
C PRO D 219 49.90 -13.00 7.47
N LYS D 220 49.48 -14.22 7.07
CA LYS D 220 49.58 -15.43 7.91
C LYS D 220 51.02 -16.04 8.02
N SER D 221 51.10 -17.31 8.45
CA SER D 221 52.39 -17.94 8.75
C SER D 221 52.89 -18.96 7.71
N CYS D 222 52.57 -18.72 6.44
CA CYS D 222 52.98 -19.61 5.35
C CYS D 222 54.35 -19.22 4.79
#